data_5OKJ
#
_entry.id   5OKJ
#
_cell.length_a   108.020
_cell.length_b   68.810
_cell.length_c   152.770
_cell.angle_alpha   90.00
_cell.angle_beta   100.74
_cell.angle_gamma   90.00
#
_symmetry.space_group_name_H-M   'C 1 2 1'
#
loop_
_entity.id
_entity.type
_entity.pdbx_description
1 polymer 'Putative 6-phospho-beta-galactobiosidase'
2 non-polymer GLYCEROL
3 non-polymer IMIDAZOLE
4 non-polymer 2-AMINO-2-HYDROXYMETHYL-PROPANE-1,3-DIOL
5 water water
#
_entity_poly.entity_id   1
_entity_poly.type   'polypeptide(L)'
_entity_poly.pdbx_seq_one_letter_code
;MIHHHHHHEHRHLKPFPPEFLWGAASAAYQVEGAWNEDGKGLSVWDVFAKQPGRTFKGTNGDVAVDHYHRYQEDVALMAE
MGLKAYRFSVSWSRVFPDGNGAVNEKGLDFYDRLIEELRNHGIEPIVTLYHWDVPQALMDAYGAWESRRIIDDFDRYAVT
LFQRFGDRVKYWVTLNEQNIFISFGYRLGLHPPGVKDMKRMYEANHIANLANAKVIQSFRHYVPDGKIGPSFAYSPMYPY
DSRPENVLAFENAEEFQNHWWMDVYAWGMYPQAAWNYLESQGLEPTVAPGDWELLQAAKPDFMGVNYYQTTTVEHNPPDG
VGEGVMNTTGKKGTSTSSGIPGLFKTVRNPHVDTTNWDWAIDPVGLRIGLRRIANRYQLPILITENGLGEFDTLEPGDIV
NDDYRIDYLRRHVQEIQRAITDGVDVLGYCAWSFTDLLSWLNGYQKRYGFVYVNRDDESEKDLRRIKKKSFYWYQRVIET
NGAEL
;
_entity_poly.pdbx_strand_id   A,B
#
loop_
_chem_comp.id
_chem_comp.type
_chem_comp.name
_chem_comp.formula
GOL non-polymer GLYCEROL 'C3 H8 O3'
IMD non-polymer IMIDAZOLE 'C3 H5 N2 1'
TRS non-polymer 2-AMINO-2-HYDROXYMETHYL-PROPANE-1,3-DIOL 'C4 H12 N O3 1'
#
# COMPACT_ATOMS: atom_id res chain seq x y z
N HIS A 12 -19.61 11.97 -14.91
CA HIS A 12 -18.83 12.86 -15.75
C HIS A 12 -17.35 12.47 -15.71
N LEU A 13 -16.87 11.84 -16.78
CA LEU A 13 -15.49 11.39 -16.83
C LEU A 13 -14.60 12.50 -17.37
N LYS A 14 -13.37 12.57 -16.86
CA LYS A 14 -12.39 13.45 -17.46
C LYS A 14 -12.08 12.96 -18.87
N PRO A 15 -11.79 13.87 -19.80
CA PRO A 15 -11.32 13.43 -21.13
C PRO A 15 -9.89 12.91 -21.02
N PHE A 16 -9.48 12.13 -22.01
CA PHE A 16 -8.07 11.81 -22.07
C PHE A 16 -7.30 13.10 -22.34
N PRO A 17 -6.18 13.32 -21.67
CA PRO A 17 -5.42 14.57 -21.83
C PRO A 17 -5.00 14.79 -23.28
N PRO A 18 -4.75 16.05 -23.67
CA PRO A 18 -4.56 16.34 -25.11
C PRO A 18 -3.39 15.62 -25.74
N GLU A 19 -2.26 15.49 -25.05
CA GLU A 19 -1.08 14.83 -25.62
C GLU A 19 -0.98 13.35 -25.22
N PHE A 20 -2.10 12.74 -24.82
CA PHE A 20 -2.12 11.33 -24.43
C PHE A 20 -1.54 10.45 -25.54
N LEU A 21 -0.63 9.57 -25.16
CA LEU A 21 0.10 8.79 -26.16
C LEU A 21 -0.68 7.52 -26.49
N TRP A 22 -1.52 7.60 -27.52
CA TRP A 22 -2.24 6.43 -28.03
C TRP A 22 -1.25 5.59 -28.85
N GLY A 23 -0.87 4.41 -28.33
CA GLY A 23 0.25 3.68 -28.87
C GLY A 23 -0.05 2.22 -29.16
N ALA A 24 0.97 1.56 -29.71
CA ALA A 24 1.03 0.11 -29.89
C ALA A 24 2.49 -0.30 -29.73
N ALA A 25 2.72 -1.58 -29.47
CA ALA A 25 4.05 -2.02 -29.03
C ALA A 25 4.48 -3.32 -29.69
N SER A 26 5.79 -3.55 -29.64
CA SER A 26 6.41 -4.82 -30.03
C SER A 26 7.69 -4.99 -29.24
N ALA A 27 8.40 -6.10 -29.52
CA ALA A 27 9.72 -6.39 -28.99
C ALA A 27 10.56 -6.99 -30.12
N ALA A 28 11.85 -6.65 -30.10
CA ALA A 28 12.73 -6.90 -31.25
C ALA A 28 12.78 -8.38 -31.64
N TYR A 29 13.04 -9.26 -30.68
CA TYR A 29 13.16 -10.67 -31.01
C TYR A 29 11.85 -11.24 -31.54
N GLN A 30 10.73 -10.71 -31.08
CA GLN A 30 9.42 -11.21 -31.49
C GLN A 30 9.00 -10.75 -32.88
N VAL A 31 9.62 -9.70 -33.40
CA VAL A 31 9.10 -9.07 -34.61
C VAL A 31 10.11 -9.00 -35.75
N GLU A 32 11.41 -8.81 -35.45
CA GLU A 32 12.37 -8.32 -36.44
C GLU A 32 12.80 -9.38 -37.47
N GLY A 33 13.12 -10.60 -37.03
CA GLY A 33 13.84 -11.50 -37.89
C GLY A 33 15.24 -10.99 -38.16
N ALA A 34 15.76 -11.30 -39.36
CA ALA A 34 17.10 -10.87 -39.76
C ALA A 34 18.12 -11.17 -38.67
N TRP A 35 18.00 -12.38 -38.09
CA TRP A 35 18.74 -12.73 -36.88
C TRP A 35 20.26 -12.73 -37.07
N ASN A 36 20.76 -12.87 -38.30
CA ASN A 36 22.19 -12.92 -38.55
C ASN A 36 22.60 -11.98 -39.68
N GLU A 37 21.90 -10.87 -39.84
CA GLU A 37 22.14 -9.97 -40.96
C GLU A 37 22.83 -8.70 -40.50
N ASP A 38 23.54 -8.08 -41.45
CA ASP A 38 24.13 -6.75 -41.25
C ASP A 38 24.97 -6.71 -39.97
N GLY A 39 25.65 -7.80 -39.68
CA GLY A 39 26.60 -7.87 -38.58
C GLY A 39 26.03 -8.16 -37.21
N LYS A 40 24.74 -8.49 -37.09
CA LYS A 40 24.15 -8.79 -35.79
C LYS A 40 24.84 -10.00 -35.15
N GLY A 41 25.12 -9.88 -33.83
CA GLY A 41 25.63 -11.00 -33.06
C GLY A 41 24.50 -11.88 -32.51
N LEU A 42 24.88 -13.04 -31.96
CA LEU A 42 23.89 -13.91 -31.32
C LEU A 42 23.38 -13.26 -30.05
N SER A 43 22.07 -13.31 -29.83
CA SER A 43 21.52 -13.01 -28.52
C SER A 43 21.31 -14.31 -27.76
N VAL A 44 20.94 -14.21 -26.47
CA VAL A 44 20.69 -15.43 -25.71
C VAL A 44 19.45 -16.13 -26.23
N TRP A 45 18.54 -15.41 -26.88
CA TRP A 45 17.33 -16.04 -27.41
C TRP A 45 17.55 -16.73 -28.74
N ASP A 46 18.47 -16.21 -29.56
CA ASP A 46 18.93 -16.93 -30.76
C ASP A 46 19.38 -18.35 -30.40
N VAL A 47 20.21 -18.47 -29.37
CA VAL A 47 20.76 -19.76 -28.96
C VAL A 47 19.71 -20.61 -28.25
N PHE A 48 19.02 -20.03 -27.26
CA PHE A 48 18.08 -20.78 -26.43
C PHE A 48 16.93 -21.37 -27.25
N ALA A 49 16.35 -20.58 -28.16
CA ALA A 49 15.17 -21.06 -28.86
C ALA A 49 15.52 -22.18 -29.83
N LYS A 50 16.78 -22.32 -30.19
CA LYS A 50 17.19 -23.44 -31.04
C LYS A 50 17.59 -24.66 -30.23
N GLN A 51 17.50 -24.60 -28.90
CA GLN A 51 17.71 -25.85 -28.19
C GLN A 51 16.42 -26.67 -28.25
N PRO A 52 16.53 -27.98 -28.51
CA PRO A 52 15.33 -28.79 -28.70
C PRO A 52 14.44 -28.76 -27.47
N GLY A 53 13.15 -28.53 -27.70
CA GLY A 53 12.18 -28.57 -26.63
C GLY A 53 11.94 -27.27 -25.92
N ARG A 54 12.69 -26.20 -26.21
CA ARG A 54 12.51 -24.99 -25.43
C ARG A 54 11.29 -24.19 -25.87
N THR A 55 10.87 -24.32 -27.14
CA THR A 55 9.78 -23.50 -27.67
C THR A 55 8.78 -24.36 -28.42
N PHE A 56 7.53 -23.88 -28.48
CA PHE A 56 6.47 -24.66 -29.12
C PHE A 56 6.77 -24.91 -30.59
N LYS A 57 6.75 -26.19 -30.98
CA LYS A 57 7.01 -26.62 -32.35
C LYS A 57 8.35 -26.08 -32.85
N GLY A 58 9.26 -25.81 -31.93
CA GLY A 58 10.56 -25.28 -32.28
C GLY A 58 10.54 -23.93 -32.97
N THR A 59 9.51 -23.11 -32.73
CA THR A 59 9.47 -21.78 -33.35
C THR A 59 10.57 -20.90 -32.75
N ASN A 60 11.12 -20.01 -33.58
CA ASN A 60 12.24 -19.16 -33.15
C ASN A 60 12.21 -17.85 -33.93
N GLY A 61 13.15 -16.96 -33.62
CA GLY A 61 13.10 -15.61 -34.17
C GLY A 61 13.95 -15.36 -35.39
N ASP A 62 14.36 -16.43 -36.09
CA ASP A 62 15.19 -16.25 -37.27
C ASP A 62 14.55 -15.27 -38.24
N VAL A 63 13.27 -15.48 -38.54
CA VAL A 63 12.51 -14.62 -39.43
C VAL A 63 11.43 -13.83 -38.67
N ALA A 64 10.75 -14.46 -37.72
CA ALA A 64 9.63 -13.82 -36.95
C ALA A 64 8.59 -13.35 -37.95
N VAL A 65 8.17 -12.08 -37.96
CA VAL A 65 7.34 -11.54 -39.04
C VAL A 65 8.11 -10.56 -39.91
N ASP A 66 9.45 -10.63 -39.85
CA ASP A 66 10.38 -9.97 -40.78
C ASP A 66 10.24 -8.44 -40.79
N HIS A 67 9.92 -7.87 -39.61
CA HIS A 67 9.81 -6.42 -39.49
C HIS A 67 11.11 -5.71 -39.88
N TYR A 68 12.25 -6.39 -39.74
CA TYR A 68 13.52 -5.76 -40.09
C TYR A 68 13.53 -5.31 -41.55
N HIS A 69 13.01 -6.13 -42.45
CA HIS A 69 12.99 -5.75 -43.86
C HIS A 69 11.72 -5.02 -44.27
N ARG A 70 10.65 -5.15 -43.50
CA ARG A 70 9.33 -4.68 -43.88
CA ARG A 70 9.34 -4.65 -43.91
C ARG A 70 8.88 -3.49 -43.05
N TYR A 71 9.81 -2.83 -42.34
CA TYR A 71 9.43 -1.78 -41.39
C TYR A 71 8.76 -0.62 -42.08
N GLN A 72 9.09 -0.37 -43.35
CA GLN A 72 8.43 0.74 -44.04
C GLN A 72 6.96 0.46 -44.22
N GLU A 73 6.63 -0.75 -44.67
CA GLU A 73 5.22 -1.14 -44.77
C GLU A 73 4.52 -1.06 -43.43
N ASP A 74 5.16 -1.59 -42.38
CA ASP A 74 4.54 -1.55 -41.06
C ASP A 74 4.29 -0.12 -40.59
N VAL A 75 5.26 0.77 -40.78
CA VAL A 75 5.10 2.14 -40.30
C VAL A 75 3.98 2.84 -41.06
N ALA A 76 3.84 2.57 -42.37
CA ALA A 76 2.75 3.14 -43.13
C ALA A 76 1.41 2.68 -42.61
N LEU A 77 1.33 1.44 -42.11
CA LEU A 77 0.10 0.97 -41.50
C LEU A 77 -0.15 1.66 -40.17
N MET A 78 0.92 1.95 -39.40
CA MET A 78 0.74 2.75 -38.19
C MET A 78 0.20 4.13 -38.50
N ALA A 79 0.66 4.73 -39.62
CA ALA A 79 0.19 6.05 -40.01
C ALA A 79 -1.27 6.02 -40.47
N GLU A 80 -1.63 5.02 -41.26
CA GLU A 80 -3.03 4.83 -41.62
C GLU A 80 -3.90 4.70 -40.37
N MET A 81 -3.45 3.94 -39.37
CA MET A 81 -4.19 3.88 -38.11
C MET A 81 -4.19 5.21 -37.39
N GLY A 82 -3.18 6.05 -37.63
CA GLY A 82 -3.07 7.29 -36.91
C GLY A 82 -2.43 7.16 -35.53
N LEU A 83 -1.57 6.16 -35.33
CA LEU A 83 -0.88 5.93 -34.07
C LEU A 83 -0.16 7.18 -33.61
N LYS A 84 -0.31 7.52 -32.33
CA LYS A 84 0.42 8.64 -31.76
C LYS A 84 1.82 8.25 -31.33
N ALA A 85 2.01 6.99 -30.90
CA ALA A 85 3.30 6.52 -30.42
C ALA A 85 3.47 5.06 -30.79
N TYR A 86 4.73 4.67 -31.04
CA TYR A 86 5.05 3.27 -31.31
C TYR A 86 6.15 2.84 -30.35
N ARG A 87 5.88 1.84 -29.52
CA ARG A 87 6.89 1.35 -28.59
C ARG A 87 7.56 0.12 -29.19
N PHE A 88 8.88 0.18 -29.28
CA PHE A 88 9.67 -0.95 -29.75
C PHE A 88 10.92 -1.10 -28.90
N SER A 89 11.59 -2.26 -29.01
CA SER A 89 12.84 -2.46 -28.31
C SER A 89 14.00 -2.48 -29.30
N VAL A 90 15.18 -2.07 -28.82
CA VAL A 90 16.41 -2.15 -29.61
C VAL A 90 17.11 -3.46 -29.28
N SER A 91 17.54 -4.19 -30.33
CA SER A 91 18.28 -5.44 -30.17
C SER A 91 19.73 -5.09 -29.86
N TRP A 92 20.13 -5.28 -28.61
CA TRP A 92 21.50 -5.01 -28.18
C TRP A 92 22.52 -5.72 -29.06
N SER A 93 22.23 -6.95 -29.47
CA SER A 93 23.22 -7.66 -30.29
C SER A 93 23.37 -7.08 -31.71
N ARG A 94 22.45 -6.23 -32.18
CA ARG A 94 22.71 -5.53 -33.44
C ARG A 94 23.71 -4.40 -33.25
N VAL A 95 23.69 -3.76 -32.08
CA VAL A 95 24.50 -2.59 -31.81
C VAL A 95 25.89 -3.00 -31.32
N PHE A 96 25.96 -3.96 -30.40
CA PHE A 96 27.20 -4.56 -29.92
C PHE A 96 27.11 -6.06 -30.18
N PRO A 97 27.61 -6.56 -31.32
CA PRO A 97 27.47 -8.00 -31.60
C PRO A 97 28.12 -8.88 -30.55
N ASP A 98 29.19 -8.42 -29.90
CA ASP A 98 29.79 -9.18 -28.80
C ASP A 98 29.48 -8.56 -27.45
N GLY A 99 28.49 -7.68 -27.39
CA GLY A 99 27.99 -7.12 -26.15
C GLY A 99 28.69 -5.88 -25.62
N ASN A 100 30.01 -5.83 -25.71
CA ASN A 100 30.75 -4.75 -25.07
C ASN A 100 32.00 -4.32 -25.83
N GLY A 101 32.19 -4.77 -27.08
CA GLY A 101 33.30 -4.32 -27.88
C GLY A 101 32.98 -3.11 -28.75
N ALA A 102 33.29 -3.22 -30.04
CA ALA A 102 33.11 -2.11 -30.97
C ALA A 102 31.68 -2.06 -31.50
N VAL A 103 31.19 -0.84 -31.75
CA VAL A 103 29.82 -0.65 -32.21
C VAL A 103 29.67 -1.10 -33.67
N ASN A 104 28.57 -1.79 -33.96
CA ASN A 104 28.15 -2.17 -35.31
C ASN A 104 27.30 -1.04 -35.88
N GLU A 105 27.89 -0.20 -36.75
CA GLU A 105 27.15 0.96 -37.24
C GLU A 105 25.90 0.55 -38.03
N LYS A 106 25.96 -0.55 -38.78
CA LYS A 106 24.77 -0.99 -39.50
C LYS A 106 23.62 -1.28 -38.55
N GLY A 107 23.91 -1.76 -37.33
CA GLY A 107 22.86 -1.97 -36.34
C GLY A 107 22.20 -0.67 -35.88
N LEU A 108 23.01 0.33 -35.51
CA LEU A 108 22.42 1.62 -35.18
C LEU A 108 21.67 2.19 -36.37
N ASP A 109 22.15 1.94 -37.58
CA ASP A 109 21.53 2.57 -38.75
C ASP A 109 20.13 2.04 -38.98
N PHE A 110 19.85 0.77 -38.64
CA PHE A 110 18.47 0.29 -38.73
C PHE A 110 17.54 1.08 -37.82
N TYR A 111 17.91 1.25 -36.54
CA TYR A 111 16.99 1.96 -35.65
C TYR A 111 16.90 3.43 -36.03
N ASP A 112 17.95 3.98 -36.63
CA ASP A 112 17.89 5.35 -37.13
C ASP A 112 16.89 5.45 -38.28
N ARG A 113 16.95 4.51 -39.23
CA ARG A 113 15.97 4.47 -40.33
C ARG A 113 14.56 4.29 -39.80
N LEU A 114 14.39 3.43 -38.79
CA LEU A 114 13.08 3.19 -38.21
C LEU A 114 12.53 4.44 -37.53
N ILE A 115 13.39 5.12 -36.74
CA ILE A 115 12.95 6.32 -36.03
C ILE A 115 12.65 7.44 -37.00
N GLU A 116 13.43 7.54 -38.08
CA GLU A 116 13.15 8.54 -39.09
C GLU A 116 11.82 8.26 -39.78
N GLU A 117 11.53 7.00 -40.07
CA GLU A 117 10.24 6.64 -40.63
C GLU A 117 9.10 7.02 -39.67
N LEU A 118 9.24 6.75 -38.38
CA LEU A 118 8.21 7.12 -37.42
C LEU A 118 8.01 8.63 -37.36
N ARG A 119 9.11 9.37 -37.26
CA ARG A 119 8.95 10.81 -37.09
CA ARG A 119 9.06 10.82 -37.13
C ARG A 119 8.43 11.47 -38.37
N ASN A 120 8.75 10.95 -39.54
CA ASN A 120 8.20 11.50 -40.77
C ASN A 120 6.72 11.24 -40.91
N HIS A 121 6.17 10.29 -40.15
CA HIS A 121 4.74 10.05 -40.14
C HIS A 121 4.07 10.55 -38.87
N GLY A 122 4.76 11.39 -38.11
CA GLY A 122 4.15 11.99 -36.94
C GLY A 122 3.99 11.09 -35.73
N ILE A 123 4.75 9.99 -35.65
CA ILE A 123 4.62 9.00 -34.57
C ILE A 123 5.77 9.20 -33.58
N GLU A 124 5.43 9.29 -32.29
CA GLU A 124 6.41 9.40 -31.22
C GLU A 124 7.06 8.05 -30.98
N PRO A 125 8.39 7.92 -31.10
CA PRO A 125 9.02 6.64 -30.74
C PRO A 125 9.12 6.51 -29.22
N ILE A 126 8.86 5.30 -28.74
CA ILE A 126 9.10 4.95 -27.35
C ILE A 126 10.10 3.81 -27.36
N VAL A 127 11.35 4.08 -26.97
CA VAL A 127 12.42 3.10 -27.12
C VAL A 127 12.59 2.32 -25.82
N THR A 128 12.46 1.00 -25.91
CA THR A 128 12.77 0.09 -24.81
C THR A 128 14.22 -0.34 -24.94
N LEU A 129 15.02 -0.08 -23.91
CA LEU A 129 16.42 -0.43 -24.00
C LEU A 129 16.64 -1.94 -23.97
N TYR A 130 15.91 -2.64 -23.11
CA TYR A 130 16.19 -4.07 -22.91
C TYR A 130 14.91 -4.88 -22.90
N HIS A 131 14.75 -5.74 -23.90
CA HIS A 131 13.62 -6.68 -23.93
C HIS A 131 14.17 -8.11 -24.13
N TRP A 132 15.00 -8.53 -23.18
CA TRP A 132 15.29 -9.92 -22.80
C TRP A 132 16.41 -10.52 -23.64
N ASP A 133 17.00 -9.77 -24.58
CA ASP A 133 17.89 -10.35 -25.59
C ASP A 133 19.34 -9.91 -25.40
N VAL A 134 19.89 -10.10 -24.21
CA VAL A 134 21.29 -9.74 -23.96
C VAL A 134 22.18 -10.54 -24.90
N PRO A 135 23.29 -10.01 -25.40
CA PRO A 135 24.07 -10.78 -26.37
C PRO A 135 24.65 -12.02 -25.70
N GLN A 136 24.69 -13.10 -26.48
CA GLN A 136 25.23 -14.36 -25.97
C GLN A 136 26.67 -14.20 -25.49
N ALA A 137 27.44 -13.31 -26.12
CA ALA A 137 28.83 -13.14 -25.71
C ALA A 137 28.96 -12.69 -24.26
N LEU A 138 28.03 -11.88 -23.75
CA LEU A 138 28.09 -11.51 -22.34
C LEU A 138 27.72 -12.68 -21.44
N MET A 139 26.75 -13.50 -21.85
CA MET A 139 26.49 -14.74 -21.14
C MET A 139 27.72 -15.63 -21.09
N ASP A 140 28.44 -15.76 -22.21
CA ASP A 140 29.63 -16.61 -22.25
C ASP A 140 30.74 -16.04 -21.39
N ALA A 141 30.89 -14.71 -21.40
CA ALA A 141 32.02 -14.07 -20.74
C ALA A 141 31.89 -14.12 -19.23
N TYR A 142 30.72 -13.80 -18.72
CA TYR A 142 30.60 -13.67 -17.27
C TYR A 142 29.21 -14.01 -16.75
N GLY A 143 28.36 -14.67 -17.53
CA GLY A 143 27.04 -15.03 -17.09
C GLY A 143 26.02 -13.91 -17.12
N ALA A 144 26.25 -12.88 -17.93
CA ALA A 144 25.29 -11.81 -18.18
C ALA A 144 24.75 -11.19 -16.89
N TRP A 145 23.46 -11.35 -16.60
CA TRP A 145 22.84 -10.55 -15.53
C TRP A 145 23.25 -10.99 -14.14
N GLU A 146 23.91 -12.13 -14.02
CA GLU A 146 24.39 -12.64 -12.76
C GLU A 146 25.71 -12.00 -12.32
N SER A 147 26.29 -11.13 -13.14
CA SER A 147 27.58 -10.51 -12.84
C SER A 147 27.46 -8.99 -12.80
N ARG A 148 28.16 -8.36 -11.86
CA ARG A 148 28.21 -6.90 -11.82
C ARG A 148 28.82 -6.30 -13.08
N ARG A 149 29.62 -7.07 -13.84
CA ARG A 149 30.18 -6.53 -15.09
C ARG A 149 29.12 -6.00 -16.04
N ILE A 150 27.90 -6.56 -15.99
CA ILE A 150 26.86 -6.10 -16.89
C ILE A 150 26.38 -4.69 -16.57
N ILE A 151 26.62 -4.16 -15.36
CA ILE A 151 26.12 -2.83 -15.04
C ILE A 151 26.78 -1.79 -15.95
N ASP A 152 28.10 -1.86 -16.09
CA ASP A 152 28.78 -0.88 -16.95
C ASP A 152 28.62 -1.25 -18.42
N ASP A 153 28.48 -2.54 -18.73
CA ASP A 153 28.20 -2.92 -20.11
C ASP A 153 26.82 -2.46 -20.55
N PHE A 154 25.80 -2.64 -19.71
CA PHE A 154 24.47 -2.13 -20.05
C PHE A 154 24.52 -0.62 -20.19
N ASP A 155 25.30 0.04 -19.33
CA ASP A 155 25.39 1.50 -19.36
C ASP A 155 26.05 1.99 -20.64
N ARG A 156 27.12 1.32 -21.09
CA ARG A 156 27.76 1.70 -22.35
C ARG A 156 26.76 1.62 -23.50
N TYR A 157 25.96 0.54 -23.53
CA TYR A 157 24.94 0.36 -24.55
C TYR A 157 23.86 1.44 -24.46
N ALA A 158 23.37 1.72 -23.24
CA ALA A 158 22.31 2.71 -23.09
C ALA A 158 22.78 4.08 -23.54
N VAL A 159 23.97 4.50 -23.07
CA VAL A 159 24.50 5.80 -23.45
C VAL A 159 24.71 5.89 -24.96
N THR A 160 25.17 4.80 -25.59
CA THR A 160 25.26 4.77 -27.06
C THR A 160 23.93 5.15 -27.70
N LEU A 161 22.84 4.54 -27.22
CA LEU A 161 21.52 4.87 -27.75
C LEU A 161 21.12 6.29 -27.38
N PHE A 162 21.38 6.72 -26.13
CA PHE A 162 21.02 8.08 -25.72
C PHE A 162 21.72 9.11 -26.60
N GLN A 163 22.99 8.89 -26.93
CA GLN A 163 23.69 9.91 -27.69
C GLN A 163 23.26 9.91 -29.15
N ARG A 164 22.96 8.73 -29.69
CA ARG A 164 22.56 8.65 -31.09
C ARG A 164 21.13 9.14 -31.31
N PHE A 165 20.22 8.88 -30.37
CA PHE A 165 18.81 9.05 -30.61
C PHE A 165 18.11 9.99 -29.64
N GLY A 166 18.83 10.52 -28.64
CA GLY A 166 18.19 11.33 -27.61
C GLY A 166 17.58 12.61 -28.16
N ASP A 167 18.11 13.12 -29.27
CA ASP A 167 17.56 14.31 -29.91
CA ASP A 167 17.54 14.32 -29.86
C ASP A 167 16.18 14.05 -30.49
N ARG A 168 15.83 12.80 -30.74
CA ARG A 168 14.60 12.45 -31.45
C ARG A 168 13.66 11.57 -30.64
N VAL A 169 14.07 11.07 -29.49
CA VAL A 169 13.28 10.17 -28.66
C VAL A 169 13.16 10.81 -27.28
N LYS A 170 11.93 11.09 -26.86
CA LYS A 170 11.68 11.66 -25.55
C LYS A 170 11.36 10.60 -24.51
N TYR A 171 10.67 9.53 -24.91
CA TYR A 171 10.20 8.49 -23.98
C TYR A 171 11.07 7.25 -24.08
N TRP A 172 11.60 6.79 -22.95
CA TRP A 172 12.51 5.66 -22.92
C TRP A 172 12.07 4.69 -21.82
N VAL A 173 12.23 3.41 -22.08
CA VAL A 173 11.94 2.37 -21.09
C VAL A 173 13.23 1.62 -20.84
N THR A 174 13.55 1.38 -19.57
CA THR A 174 14.81 0.72 -19.29
C THR A 174 14.72 -0.80 -19.45
N LEU A 175 14.34 -1.48 -18.37
CA LEU A 175 14.17 -2.92 -18.37
C LEU A 175 12.68 -3.24 -18.56
N ASN A 176 12.39 -4.08 -19.54
CA ASN A 176 11.03 -4.53 -19.77
C ASN A 176 10.76 -5.79 -18.96
N GLU A 177 9.85 -5.72 -18.00
CA GLU A 177 9.40 -6.88 -17.23
C GLU A 177 10.56 -7.63 -16.62
N GLN A 178 11.41 -6.89 -15.88
CA GLN A 178 12.50 -7.50 -15.14
C GLN A 178 12.05 -8.69 -14.30
N ASN A 179 10.87 -8.59 -13.68
CA ASN A 179 10.35 -9.68 -12.87
C ASN A 179 10.11 -10.94 -13.69
N ILE A 180 9.82 -10.79 -14.98
CA ILE A 180 9.60 -11.96 -15.82
C ILE A 180 10.92 -12.51 -16.33
N PHE A 181 11.78 -11.67 -16.93
CA PHE A 181 12.96 -12.30 -17.51
C PHE A 181 13.90 -12.84 -16.43
N ILE A 182 13.88 -12.24 -15.23
CA ILE A 182 14.71 -12.74 -14.15
C ILE A 182 14.10 -14.01 -13.54
N SER A 183 12.80 -14.00 -13.26
CA SER A 183 12.20 -15.18 -12.62
C SER A 183 12.10 -16.34 -13.60
N PHE A 184 11.75 -16.07 -14.86
CA PHE A 184 11.71 -17.15 -15.86
C PHE A 184 13.10 -17.64 -16.22
N GLY A 185 14.12 -16.79 -16.12
CA GLY A 185 15.44 -17.21 -16.53
C GLY A 185 16.19 -17.94 -15.41
N TYR A 186 15.84 -17.64 -14.16
CA TYR A 186 16.63 -18.13 -13.02
C TYR A 186 15.85 -18.91 -11.97
N ARG A 187 14.52 -18.82 -11.93
CA ARG A 187 13.68 -19.58 -11.00
CA ARG A 187 13.70 -19.59 -10.99
C ARG A 187 12.92 -20.71 -11.68
N LEU A 188 12.28 -20.42 -12.81
CA LEU A 188 11.51 -21.44 -13.50
C LEU A 188 12.28 -22.11 -14.64
N GLY A 189 13.44 -21.59 -15.03
CA GLY A 189 14.22 -22.17 -16.11
C GLY A 189 13.53 -22.23 -17.46
N LEU A 190 12.53 -21.39 -17.70
CA LEU A 190 11.79 -21.36 -18.95
C LEU A 190 12.35 -20.39 -19.99
N HIS A 191 13.19 -19.46 -19.56
CA HIS A 191 13.87 -18.48 -20.38
C HIS A 191 15.38 -18.63 -20.19
N PRO A 192 16.21 -18.13 -21.12
CA PRO A 192 17.66 -18.20 -20.84
C PRO A 192 18.06 -17.44 -19.56
N PRO A 193 19.02 -17.97 -18.79
CA PRO A 193 19.87 -19.12 -19.08
C PRO A 193 19.29 -20.48 -18.69
N GLY A 194 17.99 -20.56 -18.41
CA GLY A 194 17.38 -21.84 -18.10
C GLY A 194 17.71 -22.39 -16.73
N VAL A 195 17.88 -21.53 -15.75
CA VAL A 195 18.34 -21.90 -14.41
C VAL A 195 17.14 -22.00 -13.48
N LYS A 196 17.21 -22.94 -12.51
CA LYS A 196 16.17 -23.13 -11.50
C LYS A 196 16.83 -23.06 -10.13
N ASP A 197 17.03 -21.82 -9.64
CA ASP A 197 17.83 -21.60 -8.44
C ASP A 197 17.43 -20.25 -7.85
N MET A 198 16.67 -20.27 -6.75
CA MET A 198 16.14 -19.03 -6.19
C MET A 198 17.25 -18.10 -5.69
N LYS A 199 18.32 -18.66 -5.13
CA LYS A 199 19.42 -17.80 -4.67
C LYS A 199 20.03 -17.04 -5.85
N ARG A 200 20.34 -17.73 -6.95
CA ARG A 200 20.87 -17.04 -8.12
C ARG A 200 19.87 -16.05 -8.68
N MET A 201 18.59 -16.41 -8.71
CA MET A 201 17.53 -15.51 -9.18
C MET A 201 17.59 -14.15 -8.47
N TYR A 202 17.70 -14.16 -7.14
CA TYR A 202 17.67 -12.88 -6.41
C TYR A 202 18.99 -12.13 -6.52
N GLU A 203 20.09 -12.85 -6.76
CA GLU A 203 21.36 -12.17 -7.04
C GLU A 203 21.31 -11.45 -8.37
N ALA A 204 20.89 -12.16 -9.42
CA ALA A 204 20.73 -11.53 -10.73
C ALA A 204 19.73 -10.39 -10.67
N ASN A 205 18.66 -10.55 -9.89
CA ASN A 205 17.67 -9.50 -9.79
C ASN A 205 18.26 -8.23 -9.19
N HIS A 206 19.08 -8.38 -8.15
CA HIS A 206 19.71 -7.22 -7.53
C HIS A 206 20.66 -6.52 -8.49
N ILE A 207 21.43 -7.29 -9.27
CA ILE A 207 22.31 -6.69 -10.27
CA ILE A 207 22.31 -6.71 -10.28
C ILE A 207 21.50 -5.93 -11.31
N ALA A 208 20.37 -6.49 -11.75
CA ALA A 208 19.54 -5.78 -12.71
C ALA A 208 18.95 -4.50 -12.12
N ASN A 209 18.64 -4.50 -10.82
CA ASN A 209 18.21 -3.25 -10.17
C ASN A 209 19.31 -2.20 -10.25
N LEU A 210 20.55 -2.60 -9.98
CA LEU A 210 21.65 -1.64 -10.06
C LEU A 210 21.87 -1.16 -11.49
N ALA A 211 21.68 -2.04 -12.48
CA ALA A 211 21.83 -1.65 -13.87
C ALA A 211 20.77 -0.63 -14.28
N ASN A 212 19.51 -0.88 -13.91
CA ASN A 212 18.44 0.09 -14.11
C ASN A 212 18.78 1.44 -13.51
N ALA A 213 19.28 1.44 -12.28
CA ALA A 213 19.54 2.71 -11.60
C ALA A 213 20.69 3.44 -12.27
N LYS A 214 21.71 2.70 -12.68
CA LYS A 214 22.87 3.31 -13.33
C LYS A 214 22.48 4.00 -14.64
N VAL A 215 21.58 3.39 -15.42
CA VAL A 215 21.27 4.00 -16.73
C VAL A 215 20.25 5.14 -16.60
N ILE A 216 19.43 5.14 -15.55
CA ILE A 216 18.60 6.30 -15.28
C ILE A 216 19.47 7.48 -14.89
N GLN A 217 20.46 7.25 -14.04
CA GLN A 217 21.45 8.27 -13.73
C GLN A 217 22.12 8.81 -14.99
N SER A 218 22.64 7.91 -15.85
CA SER A 218 23.23 8.38 -17.10
C SER A 218 22.23 9.19 -17.92
N PHE A 219 20.98 8.74 -17.98
CA PHE A 219 19.95 9.43 -18.77
C PHE A 219 19.81 10.89 -18.35
N ARG A 220 19.93 11.19 -17.05
CA ARG A 220 19.76 12.56 -16.58
C ARG A 220 20.86 13.46 -17.12
N HIS A 221 22.03 12.89 -17.42
CA HIS A 221 23.10 13.67 -18.05
C HIS A 221 22.89 13.81 -19.55
N TYR A 222 22.61 12.71 -20.25
CA TYR A 222 22.63 12.70 -21.71
C TYR A 222 21.33 13.11 -22.36
N VAL A 223 20.19 12.90 -21.71
CA VAL A 223 18.89 13.30 -22.26
C VAL A 223 18.15 14.07 -21.17
N PRO A 224 18.62 15.26 -20.80
CA PRO A 224 18.02 15.98 -19.67
C PRO A 224 16.56 16.32 -19.86
N ASP A 225 16.08 16.39 -21.11
CA ASP A 225 14.69 16.71 -21.34
CA ASP A 225 14.70 16.71 -21.43
C ASP A 225 13.80 15.49 -21.58
N GLY A 226 14.38 14.27 -21.51
CA GLY A 226 13.61 13.06 -21.73
C GLY A 226 12.90 12.52 -20.49
N LYS A 227 12.08 11.50 -20.71
CA LYS A 227 11.32 10.83 -19.65
C LYS A 227 11.65 9.34 -19.73
N ILE A 228 11.94 8.73 -18.58
CA ILE A 228 12.45 7.36 -18.54
C ILE A 228 11.84 6.64 -17.33
N GLY A 229 11.65 5.33 -17.49
CA GLY A 229 11.12 4.48 -16.45
C GLY A 229 11.30 3.02 -16.82
N PRO A 230 11.24 2.14 -15.83
CA PRO A 230 11.15 0.70 -16.10
C PRO A 230 9.71 0.32 -16.46
N SER A 231 9.56 -0.84 -17.11
CA SER A 231 8.25 -1.39 -17.47
CA SER A 231 8.23 -1.37 -17.44
C SER A 231 8.01 -2.66 -16.68
N PHE A 232 7.20 -2.57 -15.62
CA PHE A 232 6.99 -3.70 -14.73
C PHE A 232 5.81 -4.54 -15.20
N ALA A 233 5.95 -5.87 -15.17
CA ALA A 233 4.84 -6.79 -15.47
C ALA A 233 3.97 -6.91 -14.24
N TYR A 234 2.86 -6.17 -14.24
CA TYR A 234 2.09 -5.92 -13.04
C TYR A 234 0.81 -6.77 -13.05
N SER A 235 0.74 -7.76 -12.18
CA SER A 235 -0.53 -8.43 -11.92
C SER A 235 -0.98 -8.10 -10.50
N PRO A 236 -1.92 -7.18 -10.31
CA PRO A 236 -2.35 -6.85 -8.94
C PRO A 236 -3.02 -8.02 -8.25
N MET A 237 -2.68 -8.19 -6.97
CA MET A 237 -3.20 -9.32 -6.18
C MET A 237 -4.51 -8.94 -5.51
N TYR A 238 -5.42 -9.92 -5.45
CA TYR A 238 -6.67 -9.92 -4.69
C TYR A 238 -6.65 -11.02 -3.63
N PRO A 239 -7.22 -10.80 -2.45
CA PRO A 239 -7.51 -11.93 -1.57
C PRO A 239 -8.78 -12.62 -2.03
N TYR A 240 -8.84 -13.93 -1.79
CA TYR A 240 -10.03 -14.68 -2.21
C TYR A 240 -11.29 -14.14 -1.53
N ASP A 241 -11.24 -13.95 -0.21
CA ASP A 241 -12.39 -13.44 0.53
C ASP A 241 -11.88 -12.70 1.77
N SER A 242 -12.80 -12.39 2.66
CA SER A 242 -12.48 -11.63 3.87
C SER A 242 -11.96 -12.51 5.01
N ARG A 243 -11.78 -13.81 4.79
CA ARG A 243 -11.16 -14.63 5.82
C ARG A 243 -9.80 -14.04 6.16
N PRO A 244 -9.51 -13.76 7.44
CA PRO A 244 -8.27 -13.03 7.78
C PRO A 244 -7.02 -13.71 7.26
N GLU A 245 -7.02 -15.04 7.14
CA GLU A 245 -5.86 -15.75 6.62
C GLU A 245 -5.69 -15.54 5.13
N ASN A 246 -6.79 -15.28 4.42
CA ASN A 246 -6.70 -15.01 3.00
C ASN A 246 -6.28 -13.58 2.73
N VAL A 247 -6.65 -12.63 3.60
CA VAL A 247 -6.17 -11.27 3.45
C VAL A 247 -4.67 -11.19 3.77
N LEU A 248 -4.21 -11.98 4.76
CA LEU A 248 -2.79 -12.02 5.04
C LEU A 248 -2.02 -12.63 3.86
N ALA A 249 -2.61 -13.62 3.19
CA ALA A 249 -2.02 -14.15 1.97
C ALA A 249 -1.91 -13.05 0.92
N PHE A 250 -2.93 -12.20 0.81
CA PHE A 250 -2.88 -11.11 -0.15
C PHE A 250 -1.79 -10.11 0.22
N GLU A 251 -1.63 -9.81 1.51
CA GLU A 251 -0.54 -8.93 1.93
C GLU A 251 0.81 -9.52 1.52
N ASN A 252 1.00 -10.81 1.78
CA ASN A 252 2.25 -11.48 1.40
C ASN A 252 2.46 -11.45 -0.10
N ALA A 253 1.42 -11.77 -0.87
CA ALA A 253 1.55 -11.88 -2.32
C ALA A 253 1.83 -10.53 -2.97
N GLU A 254 1.11 -9.47 -2.57
CA GLU A 254 1.34 -8.19 -3.23
C GLU A 254 2.74 -7.68 -2.91
N GLU A 255 3.21 -7.89 -1.68
CA GLU A 255 4.57 -7.46 -1.33
C GLU A 255 5.63 -8.29 -2.04
N PHE A 256 5.48 -9.61 -2.01
CA PHE A 256 6.49 -10.50 -2.58
C PHE A 256 6.51 -10.43 -4.11
N GLN A 257 5.35 -10.29 -4.73
CA GLN A 257 5.29 -10.30 -6.21
C GLN A 257 5.40 -8.91 -6.82
N ASN A 258 4.89 -7.88 -6.14
CA ASN A 258 4.83 -6.57 -6.79
C ASN A 258 5.69 -5.53 -6.10
N HIS A 259 5.54 -5.35 -4.77
CA HIS A 259 6.36 -4.37 -4.10
C HIS A 259 7.84 -4.68 -4.21
N TRP A 260 8.21 -5.97 -4.26
CA TRP A 260 9.61 -6.35 -4.35
C TRP A 260 10.34 -5.64 -5.48
N TRP A 261 9.66 -5.41 -6.59
CA TRP A 261 10.22 -4.67 -7.72
C TRP A 261 9.85 -3.19 -7.70
N MET A 262 8.57 -2.86 -7.57
CA MET A 262 8.14 -1.46 -7.70
C MET A 262 8.67 -0.57 -6.57
N ASP A 263 8.81 -1.09 -5.35
CA ASP A 263 9.44 -0.32 -4.28
C ASP A 263 10.89 0.00 -4.59
N VAL A 264 11.63 -0.93 -5.22
CA VAL A 264 13.00 -0.59 -5.58
C VAL A 264 13.02 0.47 -6.66
N TYR A 265 12.15 0.30 -7.66
CA TYR A 265 12.02 1.29 -8.73
C TYR A 265 11.71 2.68 -8.19
N ALA A 266 10.73 2.78 -7.29
CA ALA A 266 10.22 4.07 -6.83
C ALA A 266 11.02 4.63 -5.66
N TRP A 267 11.37 3.78 -4.71
CA TRP A 267 11.98 4.21 -3.46
C TRP A 267 13.43 3.77 -3.29
N GLY A 268 13.91 2.83 -4.10
CA GLY A 268 15.25 2.31 -3.90
C GLY A 268 15.42 1.41 -2.70
N MET A 269 14.36 0.73 -2.25
CA MET A 269 14.42 -0.10 -1.06
C MET A 269 13.57 -1.34 -1.26
N TYR A 270 14.09 -2.49 -0.83
CA TYR A 270 13.24 -3.69 -0.77
C TYR A 270 12.29 -3.63 0.42
N PRO A 271 11.09 -4.21 0.29
CA PRO A 271 10.19 -4.32 1.44
C PRO A 271 10.72 -5.29 2.48
N GLN A 272 10.43 -4.99 3.76
CA GLN A 272 11.18 -5.63 4.85
C GLN A 272 10.70 -7.04 5.14
N ALA A 273 9.39 -7.28 5.15
CA ALA A 273 8.90 -8.63 5.45
C ALA A 273 9.41 -9.63 4.40
N ALA A 274 9.31 -9.27 3.11
CA ALA A 274 9.87 -10.15 2.08
C ALA A 274 11.37 -10.34 2.27
N TRP A 275 12.11 -9.24 2.53
CA TRP A 275 13.56 -9.38 2.70
C TRP A 275 13.88 -10.35 3.83
N ASN A 276 13.21 -10.18 4.98
CA ASN A 276 13.44 -11.05 6.14
C ASN A 276 13.11 -12.50 5.83
N TYR A 277 12.02 -12.74 5.09
CA TYR A 277 11.70 -14.11 4.71
C TYR A 277 12.79 -14.70 3.81
N LEU A 278 13.33 -13.91 2.89
CA LEU A 278 14.41 -14.43 2.05
C LEU A 278 15.67 -14.68 2.87
N GLU A 279 15.97 -13.75 3.78
CA GLU A 279 17.13 -13.90 4.67
C GLU A 279 17.03 -15.19 5.48
N SER A 280 15.84 -15.51 5.99
CA SER A 280 15.66 -16.74 6.76
C SER A 280 15.94 -17.99 5.91
N GLN A 281 15.95 -17.86 4.58
CA GLN A 281 16.19 -18.99 3.70
C GLN A 281 17.54 -18.93 3.02
N GLY A 282 18.41 -18.00 3.42
CA GLY A 282 19.68 -17.82 2.73
C GLY A 282 19.52 -17.42 1.27
N LEU A 283 18.48 -16.65 0.94
CA LEU A 283 18.22 -16.26 -0.44
C LEU A 283 18.36 -14.77 -0.71
N GLU A 284 18.51 -13.95 0.33
CA GLU A 284 18.59 -12.52 0.09
C GLU A 284 19.88 -12.19 -0.67
N PRO A 285 19.86 -11.16 -1.53
CA PRO A 285 21.02 -10.89 -2.38
C PRO A 285 22.19 -10.29 -1.62
N THR A 286 23.36 -10.40 -2.23
CA THR A 286 24.57 -9.75 -1.74
C THR A 286 24.50 -8.25 -2.03
N VAL A 287 24.70 -7.45 -0.99
CA VAL A 287 24.67 -5.99 -1.12
C VAL A 287 26.09 -5.48 -0.91
N ALA A 288 26.55 -4.64 -1.83
CA ALA A 288 27.86 -4.03 -1.81
C ALA A 288 27.76 -2.62 -1.25
N PRO A 289 28.86 -2.08 -0.72
CA PRO A 289 28.88 -0.66 -0.34
C PRO A 289 28.54 0.21 -1.53
N GLY A 290 27.62 1.16 -1.32
CA GLY A 290 27.18 2.07 -2.35
C GLY A 290 25.92 1.65 -3.08
N ASP A 291 25.48 0.40 -2.90
CA ASP A 291 24.29 -0.10 -3.59
C ASP A 291 23.06 0.70 -3.23
N TRP A 292 22.79 0.88 -1.93
CA TRP A 292 21.57 1.57 -1.53
C TRP A 292 21.57 3.02 -2.03
N GLU A 293 22.74 3.66 -2.04
CA GLU A 293 22.80 5.05 -2.47
C GLU A 293 22.49 5.17 -3.95
N LEU A 294 23.03 4.26 -4.76
CA LEU A 294 22.72 4.25 -6.20
C LEU A 294 21.24 4.01 -6.44
N LEU A 295 20.66 3.01 -5.76
CA LEU A 295 19.28 2.65 -6.02
C LEU A 295 18.32 3.77 -5.59
N GLN A 296 18.63 4.44 -4.49
CA GLN A 296 17.71 5.46 -3.99
C GLN A 296 17.75 6.74 -4.83
N ALA A 297 18.84 6.98 -5.55
CA ALA A 297 19.06 8.22 -6.30
C ALA A 297 18.69 8.09 -7.78
N ALA A 298 17.83 7.13 -8.12
CA ALA A 298 17.53 6.84 -9.52
C ALA A 298 16.03 6.92 -9.76
N LYS A 299 15.45 8.05 -9.40
CA LYS A 299 14.01 8.20 -9.50
C LYS A 299 13.57 8.22 -10.97
N PRO A 300 12.58 7.41 -11.35
CA PRO A 300 12.04 7.44 -12.70
C PRO A 300 11.00 8.54 -12.89
N ASP A 301 10.79 8.89 -14.16
CA ASP A 301 9.74 9.86 -14.49
C ASP A 301 8.35 9.22 -14.43
N PHE A 302 8.25 7.92 -14.66
CA PHE A 302 6.98 7.24 -14.68
C PHE A 302 7.20 5.78 -14.30
N MET A 303 6.14 5.11 -13.88
CA MET A 303 6.15 3.67 -13.75
C MET A 303 5.56 3.10 -15.04
N GLY A 304 6.34 2.33 -15.78
CA GLY A 304 5.78 1.60 -16.90
C GLY A 304 5.02 0.40 -16.38
N VAL A 305 3.85 0.16 -16.94
CA VAL A 305 2.98 -0.92 -16.50
C VAL A 305 2.60 -1.77 -17.70
N ASN A 306 2.98 -3.06 -17.67
CA ASN A 306 2.48 -4.07 -18.58
C ASN A 306 1.38 -4.85 -17.85
N TYR A 307 0.13 -4.71 -18.30
CA TYR A 307 -1.00 -5.27 -17.58
C TYR A 307 -1.81 -6.20 -18.46
N TYR A 308 -2.08 -7.41 -17.98
CA TYR A 308 -2.96 -8.34 -18.68
C TYR A 308 -4.06 -8.89 -17.78
N GLN A 309 -3.78 -9.09 -16.49
CA GLN A 309 -4.73 -9.77 -15.61
C GLN A 309 -4.42 -9.49 -14.14
N THR A 310 -5.41 -9.76 -13.29
CA THR A 310 -5.18 -9.82 -11.86
C THR A 310 -4.98 -11.25 -11.41
N THR A 311 -4.52 -11.41 -10.17
CA THR A 311 -4.30 -12.72 -9.58
C THR A 311 -4.92 -12.77 -8.19
N THR A 312 -5.75 -13.77 -7.95
CA THR A 312 -6.40 -13.95 -6.66
C THR A 312 -5.67 -15.04 -5.88
N VAL A 313 -5.49 -14.82 -4.57
CA VAL A 313 -4.70 -15.72 -3.73
C VAL A 313 -5.47 -16.09 -2.46
N GLU A 314 -5.01 -17.17 -1.83
CA GLU A 314 -5.56 -17.65 -0.57
C GLU A 314 -4.42 -18.26 0.25
N HIS A 315 -4.72 -18.59 1.50
CA HIS A 315 -3.74 -19.14 2.41
C HIS A 315 -3.08 -20.39 1.86
N ASN A 316 -1.78 -20.47 2.02
CA ASN A 316 -1.03 -21.65 1.60
C ASN A 316 -0.23 -22.19 2.78
N PRO A 317 -0.57 -23.37 3.31
CA PRO A 317 0.14 -23.89 4.50
C PRO A 317 1.59 -24.21 4.19
N PRO A 318 2.45 -24.29 5.22
CA PRO A 318 3.89 -24.49 4.98
C PRO A 318 4.24 -25.74 4.18
N ASP A 319 3.34 -26.71 4.06
CA ASP A 319 3.58 -27.91 3.28
C ASP A 319 2.89 -27.87 1.92
N GLY A 320 2.38 -26.71 1.52
CA GLY A 320 1.43 -26.61 0.42
C GLY A 320 2.04 -26.42 -0.95
N VAL A 321 1.31 -25.65 -1.78
CA VAL A 321 1.56 -25.58 -3.22
C VAL A 321 2.83 -24.80 -3.50
N GLY A 322 3.61 -25.28 -4.48
CA GLY A 322 4.78 -24.58 -4.99
C GLY A 322 4.64 -24.20 -6.45
N GLU A 323 5.50 -24.75 -7.32
CA GLU A 323 5.34 -24.54 -8.75
C GLU A 323 4.04 -25.17 -9.22
N GLY A 324 3.37 -24.50 -10.17
CA GLY A 324 2.12 -24.99 -10.72
C GLY A 324 2.26 -25.29 -12.21
N VAL A 325 1.20 -25.88 -12.76
CA VAL A 325 1.12 -26.14 -14.19
C VAL A 325 0.71 -24.87 -14.92
N MET A 326 1.50 -24.49 -15.93
CA MET A 326 1.23 -23.33 -16.76
C MET A 326 0.51 -23.74 -18.04
N ASN A 327 -0.55 -23.02 -18.38
CA ASN A 327 -1.27 -23.26 -19.64
C ASN A 327 -0.43 -22.76 -20.81
N THR A 328 0.16 -23.68 -21.56
CA THR A 328 0.99 -23.35 -22.71
C THR A 328 0.28 -23.61 -24.04
N THR A 329 -0.81 -24.38 -24.01
CA THR A 329 -1.39 -24.93 -25.23
C THR A 329 -2.52 -24.07 -25.79
N GLY A 330 -3.32 -23.44 -24.92
CA GLY A 330 -4.56 -22.83 -25.33
C GLY A 330 -5.78 -23.65 -25.01
N LYS A 331 -5.61 -24.77 -24.29
CA LYS A 331 -6.72 -25.58 -23.80
C LYS A 331 -7.16 -25.00 -22.45
N LYS A 332 -8.39 -24.48 -22.41
CA LYS A 332 -8.85 -23.79 -21.21
C LYS A 332 -9.04 -24.77 -20.06
N GLY A 333 -8.69 -24.32 -18.85
CA GLY A 333 -8.93 -25.09 -17.65
C GLY A 333 -7.80 -25.98 -17.19
N THR A 334 -6.60 -25.86 -17.77
CA THR A 334 -5.50 -26.76 -17.47
C THR A 334 -4.48 -26.18 -16.49
N SER A 335 -4.53 -24.89 -16.21
CA SER A 335 -3.62 -24.31 -15.22
C SER A 335 -3.96 -24.82 -13.84
N THR A 336 -2.94 -24.89 -12.99
CA THR A 336 -3.15 -25.23 -11.58
C THR A 336 -2.39 -24.25 -10.72
N SER A 337 -2.74 -24.27 -9.43
CA SER A 337 -2.27 -23.28 -8.48
C SER A 337 -0.74 -23.29 -8.39
N SER A 338 -0.18 -22.10 -8.22
CA SER A 338 1.22 -21.93 -7.87
C SER A 338 1.29 -20.99 -6.68
N GLY A 339 2.31 -21.15 -5.87
CA GLY A 339 2.44 -20.27 -4.73
C GLY A 339 3.75 -20.45 -4.03
N ILE A 340 3.84 -19.88 -2.84
CA ILE A 340 5.01 -20.00 -1.99
C ILE A 340 4.56 -20.63 -0.68
N PRO A 341 5.07 -21.80 -0.32
CA PRO A 341 4.58 -22.50 0.88
C PRO A 341 4.72 -21.63 2.12
N GLY A 342 3.64 -21.53 2.89
CA GLY A 342 3.60 -20.68 4.06
C GLY A 342 3.15 -19.26 3.82
N LEU A 343 3.12 -18.80 2.56
CA LEU A 343 2.81 -17.41 2.26
C LEU A 343 1.50 -17.25 1.50
N PHE A 344 1.36 -17.87 0.33
CA PHE A 344 0.17 -17.69 -0.47
C PHE A 344 0.17 -18.71 -1.59
N LYS A 345 -1.00 -18.91 -2.18
CA LYS A 345 -1.09 -19.65 -3.43
C LYS A 345 -2.21 -19.03 -4.25
N THR A 346 -2.08 -19.14 -5.56
CA THR A 346 -3.12 -18.59 -6.43
C THR A 346 -4.34 -19.50 -6.42
N VAL A 347 -5.48 -18.91 -6.79
CA VAL A 347 -6.75 -19.63 -6.89
C VAL A 347 -7.60 -18.90 -7.91
N ARG A 348 -8.42 -19.65 -8.63
CA ARG A 348 -9.27 -19.05 -9.66
C ARG A 348 -10.21 -18.02 -9.07
N ASN A 349 -10.23 -16.83 -9.68
CA ASN A 349 -11.20 -15.80 -9.33
C ASN A 349 -12.56 -16.18 -9.90
N PRO A 350 -13.53 -16.56 -9.06
CA PRO A 350 -14.83 -16.98 -9.58
C PRO A 350 -15.69 -15.84 -10.12
N HIS A 351 -15.25 -14.59 -10.00
CA HIS A 351 -16.07 -13.45 -10.40
C HIS A 351 -15.59 -12.80 -11.70
N VAL A 352 -14.72 -13.46 -12.47
CA VAL A 352 -14.29 -12.99 -13.79
C VAL A 352 -14.14 -14.19 -14.72
N ASP A 353 -14.25 -13.91 -16.01
CA ASP A 353 -13.98 -14.92 -17.03
C ASP A 353 -12.49 -15.01 -17.32
N THR A 354 -12.09 -16.05 -18.05
CA THR A 354 -10.68 -16.26 -18.38
C THR A 354 -10.54 -16.60 -19.86
N THR A 355 -9.40 -16.25 -20.43
CA THR A 355 -9.14 -16.61 -21.82
C THR A 355 -8.91 -18.12 -21.91
N ASN A 356 -8.64 -18.58 -23.13
CA ASN A 356 -8.33 -19.99 -23.33
C ASN A 356 -7.02 -20.38 -22.68
N TRP A 357 -6.11 -19.43 -22.49
CA TRP A 357 -4.86 -19.66 -21.78
C TRP A 357 -4.99 -19.43 -20.27
N ASP A 358 -6.22 -19.34 -19.76
CA ASP A 358 -6.55 -19.20 -18.35
C ASP A 358 -6.11 -17.86 -17.76
N TRP A 359 -5.85 -16.85 -18.60
CA TRP A 359 -5.61 -15.50 -18.09
C TRP A 359 -6.93 -14.85 -17.75
N ALA A 360 -7.01 -14.26 -16.54
CA ALA A 360 -8.23 -13.57 -16.13
C ALA A 360 -8.46 -12.32 -17.00
N ILE A 361 -9.73 -12.10 -17.34
CA ILE A 361 -10.16 -10.88 -18.03
C ILE A 361 -10.77 -9.95 -16.98
N ASP A 362 -10.04 -8.90 -16.62
CA ASP A 362 -10.37 -8.08 -15.46
C ASP A 362 -10.00 -6.64 -15.75
N PRO A 363 -10.78 -5.96 -16.58
CA PRO A 363 -10.48 -4.54 -16.85
C PRO A 363 -10.60 -3.65 -15.61
N VAL A 364 -11.49 -3.96 -14.68
CA VAL A 364 -11.52 -3.22 -13.42
C VAL A 364 -10.20 -3.38 -12.69
N GLY A 365 -9.56 -4.54 -12.82
CA GLY A 365 -8.25 -4.73 -12.24
C GLY A 365 -7.21 -3.72 -12.70
N LEU A 366 -7.32 -3.25 -13.96
CA LEU A 366 -6.39 -2.24 -14.42
C LEU A 366 -6.60 -0.92 -13.68
N ARG A 367 -7.85 -0.52 -13.48
CA ARG A 367 -8.13 0.65 -12.66
C ARG A 367 -7.58 0.46 -11.24
N ILE A 368 -7.78 -0.72 -10.66
CA ILE A 368 -7.23 -1.01 -9.33
C ILE A 368 -5.72 -0.92 -9.34
N GLY A 369 -5.07 -1.49 -10.36
CA GLY A 369 -3.63 -1.43 -10.42
C GLY A 369 -3.10 -0.01 -10.60
N LEU A 370 -3.71 0.77 -11.50
CA LEU A 370 -3.32 2.16 -11.65
C LEU A 370 -3.55 2.94 -10.36
N ARG A 371 -4.67 2.69 -9.70
CA ARG A 371 -4.94 3.35 -8.42
C ARG A 371 -3.91 2.99 -7.35
N ARG A 372 -3.44 1.73 -7.32
CA ARG A 372 -2.50 1.34 -6.27
C ARG A 372 -1.16 2.00 -6.47
N ILE A 373 -0.72 2.12 -7.73
CA ILE A 373 0.56 2.74 -8.01
C ILE A 373 0.53 4.23 -7.67
N ALA A 374 -0.54 4.92 -8.06
CA ALA A 374 -0.68 6.32 -7.68
C ALA A 374 -0.68 6.47 -6.16
N ASN A 375 -1.47 5.63 -5.49
CA ASN A 375 -1.64 5.75 -4.03
C ASN A 375 -0.33 5.47 -3.29
N ARG A 376 0.51 4.54 -3.78
CA ARG A 376 1.71 4.17 -3.04
C ARG A 376 2.92 5.03 -3.43
N TYR A 377 3.08 5.34 -4.73
CA TYR A 377 4.29 5.99 -5.23
C TYR A 377 4.05 7.41 -5.73
N GLN A 378 2.81 7.80 -5.96
CA GLN A 378 2.49 9.11 -6.54
C GLN A 378 3.16 9.31 -7.89
N LEU A 379 3.34 8.20 -8.67
CA LEU A 379 4.03 8.34 -9.94
C LEU A 379 3.05 8.41 -11.11
N PRO A 380 3.36 9.20 -12.13
CA PRO A 380 2.69 9.03 -13.42
C PRO A 380 2.96 7.64 -13.97
N ILE A 381 2.01 7.13 -14.75
CA ILE A 381 2.06 5.78 -15.31
C ILE A 381 2.00 5.87 -16.83
N LEU A 382 2.87 5.13 -17.49
CA LEU A 382 2.79 4.89 -18.93
C LEU A 382 2.41 3.42 -19.11
N ILE A 383 1.25 3.17 -19.67
CA ILE A 383 0.84 1.79 -19.87
C ILE A 383 1.52 1.28 -21.13
N THR A 384 2.56 0.47 -20.95
CA THR A 384 3.43 0.07 -22.06
C THR A 384 2.98 -1.21 -22.75
N GLU A 385 2.07 -1.97 -22.16
CA GLU A 385 1.52 -3.16 -22.80
C GLU A 385 0.14 -3.45 -22.22
N ASN A 386 -0.82 -3.74 -23.09
CA ASN A 386 -2.10 -4.33 -22.71
C ASN A 386 -2.71 -4.92 -23.97
N GLY A 387 -3.24 -6.13 -23.88
CA GLY A 387 -3.80 -6.74 -25.09
C GLY A 387 -4.43 -8.09 -24.78
N LEU A 388 -5.08 -8.63 -25.81
CA LEU A 388 -5.74 -9.92 -25.76
C LEU A 388 -5.09 -10.85 -26.78
N GLY A 389 -4.56 -11.99 -26.31
CA GLY A 389 -4.01 -13.00 -27.18
C GLY A 389 -5.03 -14.10 -27.42
N GLU A 390 -5.35 -14.34 -28.70
CA GLU A 390 -6.41 -15.27 -29.06
C GLU A 390 -6.13 -15.84 -30.45
N PHE A 391 -6.78 -16.95 -30.76
CA PHE A 391 -6.76 -17.43 -32.14
C PHE A 391 -7.59 -16.49 -33.01
N ASP A 392 -7.09 -16.20 -34.21
CA ASP A 392 -7.83 -15.46 -35.22
C ASP A 392 -8.06 -16.35 -36.43
N THR A 393 -9.22 -16.20 -37.07
CA THR A 393 -9.51 -16.89 -38.32
C THR A 393 -9.44 -15.89 -39.47
N LEU A 394 -8.64 -16.20 -40.49
CA LEU A 394 -8.58 -15.38 -41.69
C LEU A 394 -9.70 -15.83 -42.64
N GLU A 395 -10.62 -15.00 -42.85
CA GLU A 395 -11.73 -15.34 -43.71
C GLU A 395 -11.46 -14.90 -45.14
N PRO A 396 -11.92 -15.67 -46.13
CA PRO A 396 -11.75 -15.24 -47.53
C PRO A 396 -12.24 -13.80 -47.72
N GLY A 397 -11.50 -13.07 -48.55
CA GLY A 397 -11.61 -11.63 -48.60
C GLY A 397 -10.62 -10.91 -47.72
N ASP A 398 -9.66 -11.62 -47.14
CA ASP A 398 -8.71 -11.08 -46.16
C ASP A 398 -9.45 -10.22 -45.12
N ILE A 399 -10.37 -10.88 -44.41
CA ILE A 399 -11.16 -10.30 -43.33
C ILE A 399 -10.88 -11.07 -42.03
N VAL A 400 -10.65 -10.33 -40.94
CA VAL A 400 -10.39 -10.91 -39.62
C VAL A 400 -11.32 -10.21 -38.63
N ASN A 401 -12.39 -10.88 -38.21
CA ASN A 401 -13.37 -10.28 -37.30
C ASN A 401 -13.00 -10.61 -35.87
N ASP A 402 -12.21 -9.73 -35.25
CA ASP A 402 -11.77 -10.05 -33.88
C ASP A 402 -12.54 -9.22 -32.86
N ASP A 403 -13.87 -9.41 -32.80
CA ASP A 403 -14.67 -8.64 -31.85
C ASP A 403 -14.26 -8.93 -30.41
N TYR A 404 -13.77 -10.15 -30.14
CA TYR A 404 -13.28 -10.49 -28.82
C TYR A 404 -12.11 -9.58 -28.41
N ARG A 405 -11.23 -9.25 -29.36
CA ARG A 405 -10.14 -8.32 -29.05
C ARG A 405 -10.66 -6.90 -28.84
N ILE A 406 -11.57 -6.44 -29.71
CA ILE A 406 -12.16 -5.12 -29.52
C ILE A 406 -12.80 -5.01 -28.15
N ASP A 407 -13.57 -6.03 -27.75
CA ASP A 407 -14.26 -5.91 -26.47
C ASP A 407 -13.29 -5.86 -25.29
N TYR A 408 -12.20 -6.64 -25.35
CA TYR A 408 -11.21 -6.59 -24.28
C TYR A 408 -10.53 -5.22 -24.23
N LEU A 409 -10.05 -4.74 -25.37
CA LEU A 409 -9.41 -3.43 -25.39
C LEU A 409 -10.38 -2.33 -24.99
N ARG A 410 -11.63 -2.40 -25.47
CA ARG A 410 -12.61 -1.36 -25.13
C ARG A 410 -12.79 -1.24 -23.63
N ARG A 411 -13.01 -2.36 -22.94
CA ARG A 411 -13.31 -2.29 -21.52
C ARG A 411 -12.09 -1.84 -20.71
N HIS A 412 -10.87 -2.19 -21.14
CA HIS A 412 -9.68 -1.73 -20.42
C HIS A 412 -9.45 -0.25 -20.64
N VAL A 413 -9.69 0.25 -21.86
CA VAL A 413 -9.51 1.67 -22.08
C VAL A 413 -10.55 2.46 -21.29
N GLN A 414 -11.76 1.91 -21.19
CA GLN A 414 -12.80 2.56 -20.38
C GLN A 414 -12.35 2.71 -18.92
N GLU A 415 -11.78 1.64 -18.35
CA GLU A 415 -11.32 1.71 -16.97
C GLU A 415 -10.12 2.61 -16.81
N ILE A 416 -9.27 2.75 -17.86
CA ILE A 416 -8.22 3.76 -17.79
C ILE A 416 -8.81 5.15 -17.60
N GLN A 417 -9.91 5.45 -18.28
CA GLN A 417 -10.50 6.78 -18.16
C GLN A 417 -11.14 7.00 -16.79
N ARG A 418 -11.71 5.96 -16.20
CA ARG A 418 -12.19 6.07 -14.82
C ARG A 418 -11.04 6.31 -13.86
N ALA A 419 -9.87 5.70 -14.12
CA ALA A 419 -8.70 5.91 -13.30
C ALA A 419 -8.16 7.32 -13.43
N ILE A 420 -8.17 7.86 -14.65
CA ILE A 420 -7.79 9.24 -14.87
C ILE A 420 -8.75 10.16 -14.11
N THR A 421 -10.03 9.82 -14.13
CA THR A 421 -11.04 10.63 -13.44
C THR A 421 -10.84 10.58 -11.94
N ASP A 422 -10.33 9.46 -11.42
CA ASP A 422 -9.94 9.34 -10.02
C ASP A 422 -8.76 10.24 -9.68
N GLY A 423 -7.98 10.65 -10.67
CA GLY A 423 -6.77 11.43 -10.45
C GLY A 423 -5.46 10.71 -10.76
N VAL A 424 -5.49 9.52 -11.35
CA VAL A 424 -4.24 8.87 -11.75
C VAL A 424 -3.73 9.57 -13.00
N ASP A 425 -2.45 9.96 -12.98
CA ASP A 425 -1.80 10.60 -14.13
C ASP A 425 -1.33 9.49 -15.05
N VAL A 426 -2.07 9.23 -16.14
CA VAL A 426 -1.72 8.20 -17.12
C VAL A 426 -1.24 8.92 -18.37
N LEU A 427 -0.01 8.61 -18.80
CA LEU A 427 0.61 9.33 -19.90
C LEU A 427 0.25 8.79 -21.27
N GLY A 428 -0.16 7.53 -21.34
CA GLY A 428 -0.35 6.88 -22.62
C GLY A 428 -0.73 5.43 -22.41
N TYR A 429 -1.08 4.80 -23.53
CA TYR A 429 -1.59 3.45 -23.60
C TYR A 429 -1.01 2.79 -24.83
N CYS A 430 -0.25 1.73 -24.65
CA CYS A 430 0.35 1.00 -25.77
C CYS A 430 -0.28 -0.37 -25.84
N ALA A 431 -1.14 -0.58 -26.84
CA ALA A 431 -1.73 -1.90 -27.03
C ALA A 431 -0.65 -2.88 -27.51
N TRP A 432 -0.64 -4.07 -26.91
CA TRP A 432 0.18 -5.19 -27.35
C TRP A 432 -0.71 -6.06 -28.22
N SER A 433 -0.44 -6.21 -29.53
CA SER A 433 0.70 -5.65 -30.24
C SER A 433 0.25 -4.98 -31.53
N PHE A 434 1.13 -4.22 -32.18
CA PHE A 434 0.71 -3.61 -33.44
C PHE A 434 0.44 -4.65 -34.54
N THR A 435 1.45 -5.43 -34.94
CA THR A 435 1.24 -6.61 -35.76
C THR A 435 1.34 -7.88 -34.91
N ASP A 436 0.72 -8.94 -35.40
CA ASP A 436 1.01 -10.28 -34.88
C ASP A 436 2.52 -10.48 -34.82
N LEU A 437 2.99 -11.26 -33.84
CA LEU A 437 4.41 -11.48 -33.70
C LEU A 437 4.65 -12.83 -33.02
N LEU A 438 5.92 -13.20 -32.91
CA LEU A 438 6.27 -14.48 -32.30
C LEU A 438 6.13 -14.38 -30.79
N SER A 439 5.36 -15.28 -30.19
CA SER A 439 5.35 -15.42 -28.74
CA SER A 439 5.34 -15.42 -28.74
C SER A 439 6.56 -16.22 -28.32
N TRP A 440 7.14 -15.86 -27.16
CA TRP A 440 8.44 -16.42 -26.80
C TRP A 440 8.41 -17.95 -26.75
N LEU A 441 7.36 -18.52 -26.16
CA LEU A 441 7.30 -19.96 -25.94
C LEU A 441 6.16 -20.65 -26.66
N ASN A 442 5.14 -19.93 -27.12
CA ASN A 442 3.87 -20.49 -27.57
C ASN A 442 3.66 -20.37 -29.08
N GLY A 443 4.68 -20.00 -29.85
CA GLY A 443 4.55 -19.94 -31.29
C GLY A 443 3.76 -18.73 -31.74
N TYR A 444 3.05 -18.89 -32.86
CA TYR A 444 2.41 -17.78 -33.53
C TYR A 444 0.89 -17.75 -33.42
N GLN A 445 0.26 -18.86 -33.09
CA GLN A 445 -1.19 -18.93 -33.10
C GLN A 445 -1.91 -18.04 -32.09
N LYS A 446 -1.28 -17.77 -30.96
CA LYS A 446 -1.82 -16.86 -29.96
CA LYS A 446 -1.82 -16.86 -29.96
C LYS A 446 -1.50 -15.44 -30.39
N ARG A 447 -2.40 -14.85 -31.18
CA ARG A 447 -2.16 -13.58 -31.86
C ARG A 447 -2.66 -12.40 -31.03
N TYR A 448 -1.86 -11.32 -31.02
CA TYR A 448 -2.19 -10.09 -30.30
C TYR A 448 -2.39 -8.89 -31.21
N GLY A 449 -2.15 -9.00 -32.51
CA GLY A 449 -1.99 -7.81 -33.34
C GLY A 449 -3.30 -7.09 -33.68
N PHE A 450 -3.19 -5.79 -33.93
CA PHE A 450 -4.18 -5.10 -34.76
C PHE A 450 -4.08 -5.53 -36.22
N VAL A 451 -2.90 -5.96 -36.64
CA VAL A 451 -2.58 -6.30 -38.02
C VAL A 451 -2.22 -7.76 -38.05
N TYR A 452 -3.03 -8.55 -38.75
CA TYR A 452 -2.78 -9.97 -38.89
C TYR A 452 -1.57 -10.17 -39.80
N VAL A 453 -0.69 -11.11 -39.45
CA VAL A 453 0.43 -11.47 -40.34
C VAL A 453 0.21 -12.89 -40.83
N ASN A 454 0.18 -13.06 -42.15
CA ASN A 454 -0.15 -14.35 -42.76
C ASN A 454 1.05 -15.28 -42.65
N ARG A 455 1.08 -16.04 -41.57
CA ARG A 455 2.03 -17.14 -41.36
C ARG A 455 1.49 -17.98 -40.21
N ASP A 456 2.06 -19.16 -39.99
CA ASP A 456 1.70 -19.95 -38.83
C ASP A 456 2.96 -20.59 -38.25
N ASP A 457 2.80 -21.64 -37.44
CA ASP A 457 3.99 -22.27 -36.86
C ASP A 457 4.76 -23.11 -37.88
N GLU A 458 4.12 -23.53 -38.96
CA GLU A 458 4.77 -24.40 -39.92
C GLU A 458 5.35 -23.66 -41.11
N SER A 459 4.77 -22.52 -41.47
CA SER A 459 5.15 -21.86 -42.71
C SER A 459 5.17 -20.36 -42.51
N GLU A 460 6.20 -19.72 -43.07
CA GLU A 460 6.22 -18.27 -43.16
C GLU A 460 5.23 -17.73 -44.18
N LYS A 461 4.70 -18.59 -45.07
CA LYS A 461 3.86 -18.16 -46.19
C LYS A 461 4.46 -16.91 -46.84
N ASP A 462 3.65 -15.86 -47.04
CA ASP A 462 4.14 -14.62 -47.62
C ASP A 462 4.25 -13.49 -46.61
N LEU A 463 3.96 -13.76 -45.34
CA LEU A 463 4.04 -12.75 -44.27
C LEU A 463 3.21 -11.51 -44.57
N ARG A 464 2.13 -11.64 -45.34
CA ARG A 464 1.44 -10.42 -45.72
C ARG A 464 0.65 -9.86 -44.55
N ARG A 465 0.54 -8.53 -44.51
CA ARG A 465 -0.14 -7.82 -43.45
C ARG A 465 -1.61 -7.61 -43.82
N ILE A 466 -2.51 -7.91 -42.88
CA ILE A 466 -3.96 -7.83 -43.08
C ILE A 466 -4.58 -7.12 -41.89
N LYS A 467 -5.16 -5.97 -42.14
CA LYS A 467 -5.80 -5.21 -41.06
C LYS A 467 -6.98 -5.98 -40.51
N LYS A 468 -7.00 -6.19 -39.19
CA LYS A 468 -8.12 -6.79 -38.49
C LYS A 468 -9.20 -5.74 -38.22
N LYS A 469 -10.40 -6.22 -37.87
CA LYS A 469 -11.48 -5.32 -37.48
C LYS A 469 -11.05 -4.39 -36.33
N SER A 470 -10.26 -4.89 -35.38
CA SER A 470 -9.78 -4.06 -34.27
C SER A 470 -8.87 -2.93 -34.73
N PHE A 471 -8.20 -3.06 -35.88
CA PHE A 471 -7.43 -1.98 -36.47
C PHE A 471 -8.32 -0.75 -36.66
N TYR A 472 -9.48 -0.95 -37.28
CA TYR A 472 -10.35 0.18 -37.56
C TYR A 472 -11.06 0.67 -36.32
N TRP A 473 -11.26 -0.21 -35.32
CA TRP A 473 -11.82 0.26 -34.05
C TRP A 473 -10.84 1.20 -33.36
N TYR A 474 -9.57 0.80 -33.27
CA TYR A 474 -8.57 1.62 -32.59
C TYR A 474 -8.31 2.92 -33.35
N GLN A 475 -8.24 2.85 -34.68
CA GLN A 475 -8.19 4.06 -35.49
C GLN A 475 -9.28 5.05 -35.10
N ARG A 476 -10.50 4.57 -34.85
CA ARG A 476 -11.57 5.48 -34.45
C ARG A 476 -11.38 5.97 -33.01
N VAL A 477 -10.87 5.09 -32.12
CA VAL A 477 -10.56 5.52 -30.76
C VAL A 477 -9.60 6.70 -30.79
N ILE A 478 -8.53 6.60 -31.58
CA ILE A 478 -7.50 7.63 -31.63
C ILE A 478 -8.05 8.91 -32.25
N GLU A 479 -8.86 8.78 -33.30
CA GLU A 479 -9.40 9.96 -33.96
C GLU A 479 -10.25 10.78 -32.99
N THR A 480 -10.94 10.12 -32.06
CA THR A 480 -11.81 10.79 -31.10
C THR A 480 -11.14 11.01 -29.75
N ASN A 481 -9.82 10.82 -29.66
CA ASN A 481 -9.08 10.88 -28.40
C ASN A 481 -9.78 10.05 -27.32
N GLY A 482 -10.38 8.93 -27.74
CA GLY A 482 -11.02 8.01 -26.81
C GLY A 482 -12.41 8.38 -26.35
N ALA A 483 -13.03 9.42 -26.94
CA ALA A 483 -14.41 9.73 -26.56
C ALA A 483 -15.38 8.70 -27.14
N GLU A 484 -15.01 8.06 -28.23
CA GLU A 484 -15.85 7.03 -28.86
C GLU A 484 -15.13 5.69 -28.77
N LEU A 485 -15.58 4.84 -27.84
CA LEU A 485 -14.97 3.52 -27.65
C LEU A 485 -15.95 2.43 -28.10
N HIS B 12 8.21 -20.97 13.46
CA HIS B 12 9.29 -20.68 14.40
C HIS B 12 9.33 -19.22 14.87
N LEU B 13 8.86 -18.94 16.08
CA LEU B 13 8.61 -17.57 16.52
C LEU B 13 9.85 -16.89 17.10
N LYS B 14 10.01 -15.59 16.80
CA LYS B 14 10.98 -14.78 17.52
C LYS B 14 10.43 -14.45 18.91
N PRO B 15 11.28 -14.29 19.91
CA PRO B 15 10.79 -13.84 21.23
C PRO B 15 10.47 -12.35 21.17
N PHE B 16 9.70 -11.90 22.15
CA PHE B 16 9.52 -10.46 22.31
C PHE B 16 10.86 -9.84 22.66
N PRO B 17 11.16 -8.65 22.15
CA PRO B 17 12.46 -8.02 22.47
C PRO B 17 12.61 -7.83 23.96
N PRO B 18 13.85 -7.83 24.46
CA PRO B 18 14.06 -7.76 25.92
C PRO B 18 13.51 -6.50 26.60
N GLU B 19 13.46 -5.37 25.90
CA GLU B 19 12.93 -4.14 26.49
C GLU B 19 11.51 -3.82 25.98
N PHE B 20 10.77 -4.83 25.53
CA PHE B 20 9.41 -4.64 25.03
C PHE B 20 8.55 -3.97 26.10
N LEU B 21 7.86 -2.90 25.72
CA LEU B 21 7.05 -2.14 26.69
C LEU B 21 5.70 -2.84 26.86
N TRP B 22 5.65 -3.78 27.81
CA TRP B 22 4.39 -4.38 28.24
C TRP B 22 3.62 -3.35 29.05
N GLY B 23 2.52 -2.84 28.51
CA GLY B 23 1.81 -1.79 29.20
C GLY B 23 0.32 -1.92 29.36
N ALA B 24 -0.29 -0.82 29.81
CA ALA B 24 -1.72 -0.67 29.98
C ALA B 24 -2.01 0.83 29.93
N ALA B 25 -3.26 1.17 29.62
CA ALA B 25 -3.55 2.54 29.22
C ALA B 25 -4.84 3.06 29.84
N SER B 26 -4.94 4.39 29.92
CA SER B 26 -6.16 5.10 30.33
C SER B 26 -6.24 6.43 29.58
N ALA B 27 -7.27 7.23 29.90
CA ALA B 27 -7.45 8.57 29.36
C ALA B 27 -8.04 9.43 30.48
N ALA B 28 -7.59 10.69 30.57
CA ALA B 28 -7.77 11.48 31.78
C ALA B 28 -9.24 11.63 32.16
N TYR B 29 -10.08 12.02 31.23
CA TYR B 29 -11.46 12.25 31.56
C TYR B 29 -12.14 11.00 32.00
N GLN B 30 -11.67 9.88 31.48
CA GLN B 30 -12.28 8.60 31.77
C GLN B 30 -11.92 8.02 33.14
N VAL B 31 -10.86 8.48 33.76
CA VAL B 31 -10.46 7.93 35.04
C VAL B 31 -10.24 8.88 36.19
N GLU B 32 -9.92 10.12 35.91
CA GLU B 32 -9.50 11.03 36.90
C GLU B 32 -10.50 11.56 37.91
N GLY B 33 -11.61 12.10 37.43
CA GLY B 33 -12.57 12.76 38.27
C GLY B 33 -11.95 14.08 38.68
N ALA B 34 -12.24 14.49 39.90
CA ALA B 34 -11.72 15.75 40.41
C ALA B 34 -11.93 16.88 39.42
N TRP B 35 -13.10 16.87 38.76
CA TRP B 35 -13.33 17.72 37.59
C TRP B 35 -13.22 19.21 37.89
N ASN B 36 -13.33 19.63 39.15
CA ASN B 36 -13.27 21.05 39.48
C ASN B 36 -12.33 21.34 40.65
N GLU B 37 -11.28 20.54 40.82
CA GLU B 37 -10.37 20.70 41.94
C GLU B 37 -9.06 21.33 41.51
N ASP B 38 -8.37 21.92 42.49
CA ASP B 38 -7.01 22.44 42.32
C ASP B 38 -6.90 23.35 41.11
N GLY B 39 -7.97 24.08 40.82
CA GLY B 39 -7.97 25.08 39.77
C GLY B 39 -8.31 24.58 38.38
N LYS B 40 -8.68 23.31 38.24
CA LYS B 40 -8.94 22.78 36.90
C LYS B 40 -10.10 23.52 36.24
N GLY B 41 -9.90 23.90 34.97
CA GLY B 41 -10.96 24.51 34.20
C GLY B 41 -11.89 23.46 33.60
N LEU B 42 -12.96 23.94 32.98
CA LEU B 42 -13.89 23.03 32.33
C LEU B 42 -13.38 22.64 30.95
N SER B 43 -13.48 21.35 30.63
CA SER B 43 -13.24 20.85 29.28
C SER B 43 -14.57 20.78 28.52
N VAL B 44 -14.47 20.49 27.22
CA VAL B 44 -15.67 20.35 26.42
C VAL B 44 -16.48 19.14 26.86
N TRP B 45 -15.83 18.13 27.44
CA TRP B 45 -16.58 16.95 27.87
C TRP B 45 -17.29 17.17 29.21
N ASP B 46 -16.69 17.97 30.09
CA ASP B 46 -17.41 18.41 31.30
C ASP B 46 -18.74 19.05 30.93
N VAL B 47 -18.75 19.89 29.89
CA VAL B 47 -19.97 20.57 29.47
C VAL B 47 -20.88 19.62 28.71
N PHE B 48 -20.30 18.82 27.80
CA PHE B 48 -21.08 18.00 26.88
C PHE B 48 -21.82 16.88 27.61
N ALA B 49 -21.12 16.20 28.53
CA ALA B 49 -21.72 15.06 29.24
C ALA B 49 -22.84 15.49 30.17
N LYS B 50 -22.83 16.74 30.62
CA LYS B 50 -23.91 17.22 31.47
C LYS B 50 -25.18 17.61 30.70
N GLN B 51 -25.10 17.71 29.36
CA GLN B 51 -26.30 17.93 28.56
C GLN B 51 -27.18 16.68 28.61
N PRO B 52 -28.48 16.82 28.88
CA PRO B 52 -29.31 15.62 29.06
C PRO B 52 -29.43 14.82 27.78
N GLY B 53 -29.17 13.52 27.88
CA GLY B 53 -29.33 12.60 26.77
C GLY B 53 -28.07 12.26 26.01
N ARG B 54 -26.96 12.97 26.25
CA ARG B 54 -25.74 12.67 25.52
C ARG B 54 -25.12 11.35 25.97
N THR B 55 -25.21 11.04 27.27
CA THR B 55 -24.55 9.87 27.83
C THR B 55 -25.57 8.93 28.48
N PHE B 56 -25.21 7.65 28.53
CA PHE B 56 -26.09 6.64 29.09
C PHE B 56 -26.30 6.90 30.58
N LYS B 57 -27.57 7.02 30.99
CA LYS B 57 -27.97 7.28 32.38
C LYS B 57 -27.32 8.53 32.95
N GLY B 58 -26.84 9.43 32.09
CA GLY B 58 -26.24 10.66 32.56
C GLY B 58 -24.88 10.52 33.21
N THR B 59 -24.22 9.38 33.05
CA THR B 59 -22.89 9.22 33.63
C THR B 59 -21.94 10.25 33.04
N ASN B 60 -21.05 10.77 33.89
CA ASN B 60 -20.14 11.83 33.48
C ASN B 60 -18.87 11.71 34.30
N GLY B 61 -17.91 12.59 34.02
CA GLY B 61 -16.59 12.46 34.62
C GLY B 61 -16.31 13.30 35.84
N ASP B 62 -17.36 13.72 36.55
CA ASP B 62 -17.16 14.44 37.80
C ASP B 62 -16.28 13.63 38.76
N VAL B 63 -16.59 12.36 38.94
CA VAL B 63 -15.81 11.47 39.81
C VAL B 63 -15.07 10.40 39.00
N ALA B 64 -15.74 9.79 38.03
CA ALA B 64 -15.19 8.70 37.19
C ALA B 64 -14.79 7.56 38.13
N VAL B 65 -13.55 7.06 38.08
CA VAL B 65 -13.09 6.08 39.07
C VAL B 65 -12.18 6.73 40.13
N ASP B 66 -12.07 8.06 40.12
CA ASP B 66 -11.42 8.83 41.17
C ASP B 66 -9.92 8.57 41.22
N HIS B 67 -9.29 8.44 40.04
CA HIS B 67 -7.86 8.17 39.97
C HIS B 67 -7.05 9.39 40.42
N TYR B 68 -7.61 10.59 40.30
CA TYR B 68 -6.91 11.79 40.78
C TYR B 68 -6.64 11.70 42.29
N HIS B 69 -7.49 11.02 43.03
CA HIS B 69 -7.28 10.90 44.48
C HIS B 69 -6.68 9.56 44.87
N ARG B 70 -6.85 8.53 44.05
CA ARG B 70 -6.44 7.17 44.37
C ARG B 70 -5.30 6.67 43.50
N TYR B 71 -4.50 7.57 42.93
CA TYR B 71 -3.46 7.12 41.99
C TYR B 71 -2.39 6.30 42.70
N GLN B 72 -2.10 6.60 43.97
CA GLN B 72 -1.08 5.83 44.66
C GLN B 72 -1.49 4.37 44.80
N GLU B 73 -2.78 4.13 45.09
CA GLU B 73 -3.29 2.77 45.07
C GLU B 73 -3.20 2.16 43.67
N ASP B 74 -3.49 2.97 42.65
CA ASP B 74 -3.51 2.45 41.29
C ASP B 74 -2.12 2.07 40.82
N VAL B 75 -1.12 2.93 41.07
CA VAL B 75 0.25 2.61 40.67
C VAL B 75 0.77 1.39 41.43
N ALA B 76 0.35 1.22 42.69
CA ALA B 76 0.76 0.04 43.45
C ALA B 76 0.25 -1.24 42.79
N LEU B 77 -0.99 -1.23 42.30
CA LEU B 77 -1.48 -2.41 41.59
C LEU B 77 -0.70 -2.61 40.29
N MET B 78 -0.31 -1.52 39.62
CA MET B 78 0.54 -1.63 38.44
C MET B 78 1.86 -2.29 38.80
N ALA B 79 2.47 -1.86 39.90
CA ALA B 79 3.77 -2.42 40.29
C ALA B 79 3.64 -3.88 40.73
N GLU B 80 2.53 -4.23 41.38
CA GLU B 80 2.26 -5.63 41.66
C GLU B 80 2.17 -6.45 40.38
N MET B 81 1.44 -5.92 39.39
CA MET B 81 1.38 -6.59 38.09
C MET B 81 2.74 -6.64 37.42
N GLY B 82 3.63 -5.70 37.74
CA GLY B 82 4.89 -5.58 37.04
C GLY B 82 4.80 -4.91 35.68
N LEU B 83 3.89 -3.95 35.50
CA LEU B 83 3.81 -3.22 34.25
C LEU B 83 5.15 -2.58 33.91
N LYS B 84 5.59 -2.76 32.67
CA LYS B 84 6.75 -2.03 32.19
C LYS B 84 6.40 -0.60 31.82
N ALA B 85 5.14 -0.37 31.44
CA ALA B 85 4.73 0.95 30.97
C ALA B 85 3.29 1.21 31.38
N TYR B 86 2.99 2.48 31.57
CA TYR B 86 1.62 2.94 31.80
C TYR B 86 1.36 4.13 30.89
N ARG B 87 0.33 4.04 30.07
CA ARG B 87 -0.01 5.16 29.19
C ARG B 87 -1.22 5.90 29.73
N PHE B 88 -1.05 7.19 29.99
CA PHE B 88 -2.14 8.05 30.43
C PHE B 88 -2.15 9.31 29.57
N SER B 89 -3.24 10.07 29.64
CA SER B 89 -3.29 11.38 29.01
C SER B 89 -3.29 12.48 30.07
N VAL B 90 -2.68 13.59 29.71
CA VAL B 90 -2.68 14.79 30.54
C VAL B 90 -3.91 15.61 30.18
N SER B 91 -4.62 16.07 31.19
CA SER B 91 -5.80 16.90 31.00
C SER B 91 -5.37 18.34 30.72
N TRP B 92 -5.66 18.83 29.51
CA TRP B 92 -5.27 20.18 29.14
C TRP B 92 -5.87 21.19 30.12
N SER B 93 -7.09 20.95 30.58
CA SER B 93 -7.74 21.97 31.42
C SER B 93 -7.28 21.94 32.87
N ARG B 94 -6.44 20.98 33.28
CA ARG B 94 -5.76 21.09 34.57
C ARG B 94 -4.52 21.97 34.47
N VAL B 95 -3.91 22.02 33.28
CA VAL B 95 -2.64 22.72 33.12
C VAL B 95 -2.86 24.16 32.69
N PHE B 96 -3.79 24.38 31.76
CA PHE B 96 -4.22 25.71 31.37
C PHE B 96 -5.73 25.70 31.48
N PRO B 97 -6.30 26.14 32.61
CA PRO B 97 -7.76 26.14 32.75
C PRO B 97 -8.45 26.91 31.65
N ASP B 98 -7.81 27.95 31.11
CA ASP B 98 -8.37 28.77 30.04
C ASP B 98 -7.87 28.38 28.67
N GLY B 99 -7.11 27.29 28.57
CA GLY B 99 -6.53 26.90 27.29
C GLY B 99 -5.27 27.67 26.96
N ASN B 100 -5.36 29.00 26.90
CA ASN B 100 -4.25 29.84 26.48
C ASN B 100 -3.77 30.82 27.54
N GLY B 101 -4.32 30.77 28.76
CA GLY B 101 -3.95 31.75 29.77
C GLY B 101 -2.75 31.40 30.61
N ALA B 102 -2.90 31.57 31.92
CA ALA B 102 -1.82 31.32 32.87
C ALA B 102 -1.76 29.85 33.25
N VAL B 103 -0.54 29.36 33.48
CA VAL B 103 -0.35 27.95 33.83
C VAL B 103 -0.80 27.71 35.27
N ASN B 104 -1.29 26.48 35.53
CA ASN B 104 -1.78 26.08 36.84
C ASN B 104 -0.78 25.08 37.44
N GLU B 105 0.07 25.56 38.36
CA GLU B 105 1.11 24.72 38.92
CA GLU B 105 1.11 24.71 38.91
C GLU B 105 0.53 23.50 39.65
N LYS B 106 -0.68 23.64 40.20
CA LYS B 106 -1.31 22.49 40.86
C LYS B 106 -1.68 21.41 39.84
N GLY B 107 -2.13 21.83 38.66
CA GLY B 107 -2.40 20.86 37.61
C GLY B 107 -1.15 20.12 37.19
N LEU B 108 -0.06 20.85 36.94
CA LEU B 108 1.22 20.21 36.63
C LEU B 108 1.69 19.36 37.78
N ASP B 109 1.42 19.78 39.02
CA ASP B 109 1.91 19.07 40.19
C ASP B 109 1.32 17.66 40.26
N PHE B 110 0.04 17.51 39.89
CA PHE B 110 -0.56 16.18 39.93
C PHE B 110 0.17 15.23 38.98
N TYR B 111 0.46 15.70 37.76
CA TYR B 111 1.15 14.83 36.81
C TYR B 111 2.60 14.61 37.21
N ASP B 112 3.20 15.59 37.87
CA ASP B 112 4.53 15.38 38.44
C ASP B 112 4.50 14.29 39.51
N ARG B 113 3.50 14.32 40.40
CA ARG B 113 3.40 13.28 41.43
C ARG B 113 3.13 11.91 40.80
N LEU B 114 2.30 11.87 39.75
CA LEU B 114 1.98 10.61 39.11
C LEU B 114 3.22 10.00 38.46
N ILE B 115 3.99 10.82 37.74
CA ILE B 115 5.20 10.34 37.08
C ILE B 115 6.22 9.86 38.10
N GLU B 116 6.35 10.58 39.21
CA GLU B 116 7.28 10.15 40.25
C GLU B 116 6.83 8.84 40.87
N GLU B 117 5.52 8.67 41.08
CA GLU B 117 5.00 7.39 41.56
C GLU B 117 5.34 6.27 40.59
N LEU B 118 5.14 6.51 39.28
CA LEU B 118 5.48 5.49 38.28
C LEU B 118 6.97 5.20 38.28
N ARG B 119 7.81 6.25 38.30
CA ARG B 119 9.24 6.05 38.19
C ARG B 119 9.81 5.33 39.41
N ASN B 120 9.26 5.62 40.60
CA ASN B 120 9.73 4.97 41.81
C ASN B 120 9.40 3.49 41.84
N HIS B 121 8.45 3.03 41.04
CA HIS B 121 8.15 1.61 40.93
C HIS B 121 8.66 1.02 39.63
N GLY B 122 9.56 1.71 38.94
CA GLY B 122 10.16 1.20 37.72
C GLY B 122 9.22 1.07 36.53
N ILE B 123 8.23 1.96 36.40
CA ILE B 123 7.26 1.91 35.32
C ILE B 123 7.57 3.03 34.34
N GLU B 124 7.59 2.71 33.04
CA GLU B 124 7.81 3.72 32.01
C GLU B 124 6.55 4.54 31.82
N PRO B 125 6.61 5.85 31.96
CA PRO B 125 5.43 6.68 31.66
C PRO B 125 5.37 6.96 30.16
N ILE B 126 4.21 6.72 29.57
CA ILE B 126 3.89 7.17 28.22
C ILE B 126 2.83 8.25 28.33
N VAL B 127 3.20 9.49 28.02
CA VAL B 127 2.32 10.66 28.18
C VAL B 127 1.62 10.96 26.86
N THR B 128 0.28 10.91 26.88
CA THR B 128 -0.55 11.35 25.75
C THR B 128 -0.91 12.82 25.93
N LEU B 129 -0.60 13.64 24.93
CA LEU B 129 -0.83 15.08 25.07
C LEU B 129 -2.32 15.42 25.01
N TYR B 130 -3.06 14.83 24.05
CA TYR B 130 -4.44 15.20 23.83
C TYR B 130 -5.32 13.96 23.70
N HIS B 131 -6.29 13.80 24.60
CA HIS B 131 -7.33 12.78 24.46
C HIS B 131 -8.72 13.41 24.66
N TRP B 132 -9.04 14.34 23.76
CA TRP B 132 -10.38 14.78 23.36
C TRP B 132 -10.98 15.84 24.28
N ASP B 133 -10.19 16.40 25.22
CA ASP B 133 -10.71 17.27 26.26
C ASP B 133 -10.16 18.69 26.16
N VAL B 134 -10.31 19.32 25.00
CA VAL B 134 -9.85 20.70 24.86
C VAL B 134 -10.62 21.58 25.86
N PRO B 135 -9.98 22.57 26.48
CA PRO B 135 -10.72 23.45 27.40
C PRO B 135 -11.89 24.15 26.71
N GLN B 136 -13.04 24.16 27.40
CA GLN B 136 -14.23 24.84 26.85
C GLN B 136 -13.92 26.30 26.49
N ALA B 137 -13.02 26.94 27.23
CA ALA B 137 -12.69 28.33 26.95
C ALA B 137 -12.22 28.52 25.52
N LEU B 138 -11.36 27.62 25.02
CA LEU B 138 -10.89 27.73 23.64
C LEU B 138 -12.02 27.52 22.66
N MET B 139 -12.98 26.70 23.00
CA MET B 139 -14.11 26.46 22.15
C MET B 139 -14.98 27.71 22.12
N ASP B 140 -15.22 28.32 23.27
CA ASP B 140 -15.99 29.56 23.34
C ASP B 140 -15.29 30.69 22.60
N ALA B 141 -13.97 30.81 22.78
CA ALA B 141 -13.25 31.94 22.21
C ALA B 141 -13.19 31.88 20.69
N TYR B 142 -12.89 30.69 20.11
CA TYR B 142 -12.67 30.67 18.67
C TYR B 142 -12.99 29.33 18.01
N GLY B 143 -13.86 28.51 18.60
CA GLY B 143 -14.27 27.27 17.97
C GLY B 143 -13.28 26.12 18.07
N ALA B 144 -12.27 26.24 18.94
CA ALA B 144 -11.32 25.18 19.26
C ALA B 144 -10.59 24.68 18.02
N TRP B 145 -10.87 23.45 17.59
CA TRP B 145 -10.08 22.85 16.50
C TRP B 145 -10.42 23.42 15.13
N GLU B 146 -11.45 24.26 15.01
CA GLU B 146 -11.78 24.88 13.73
C GLU B 146 -10.98 26.14 13.47
N SER B 147 -10.08 26.52 14.37
CA SER B 147 -9.32 27.75 14.21
C SER B 147 -7.83 27.47 14.29
N ARG B 148 -7.07 28.13 13.41
CA ARG B 148 -5.61 28.02 13.44
C ARG B 148 -5.03 28.55 14.74
N ARG B 149 -5.79 29.29 15.54
CA ARG B 149 -5.26 29.76 16.81
C ARG B 149 -4.94 28.61 17.74
N ILE B 150 -5.67 27.49 17.64
CA ILE B 150 -5.41 26.35 18.52
C ILE B 150 -4.04 25.73 18.27
N ILE B 151 -3.41 26.02 17.13
CA ILE B 151 -2.12 25.42 16.82
C ILE B 151 -1.06 25.91 17.81
N ASP B 152 -1.00 27.23 18.03
CA ASP B 152 0.02 27.76 18.93
C ASP B 152 -0.37 27.60 20.40
N ASP B 153 -1.66 27.57 20.70
CA ASP B 153 -2.08 27.33 22.08
C ASP B 153 -1.83 25.88 22.47
N PHE B 154 -2.03 24.95 21.54
CA PHE B 154 -1.69 23.56 21.81
C PHE B 154 -0.18 23.37 21.89
N ASP B 155 0.56 24.10 21.05
CA ASP B 155 2.01 24.02 21.11
C ASP B 155 2.54 24.50 22.46
N ARG B 156 2.06 25.66 22.94
CA ARG B 156 2.47 26.15 24.25
C ARG B 156 2.16 25.13 25.33
N TYR B 157 0.96 24.57 25.30
CA TYR B 157 0.62 23.48 26.22
C TYR B 157 1.63 22.35 26.12
N ALA B 158 1.85 21.85 24.91
CA ALA B 158 2.80 20.75 24.72
C ALA B 158 4.18 21.11 25.23
N VAL B 159 4.67 22.29 24.85
CA VAL B 159 6.01 22.69 25.25
C VAL B 159 6.11 22.79 26.77
N THR B 160 5.03 23.23 27.42
CA THR B 160 5.02 23.25 28.89
C THR B 160 5.30 21.86 29.46
N LEU B 161 4.58 20.84 28.98
CA LEU B 161 4.80 19.48 29.46
C LEU B 161 6.19 18.97 29.07
N PHE B 162 6.68 19.30 27.87
CA PHE B 162 8.02 18.86 27.47
C PHE B 162 9.09 19.42 28.42
N GLN B 163 8.99 20.72 28.74
CA GLN B 163 9.99 21.34 29.62
C GLN B 163 9.96 20.75 31.03
N ARG B 164 8.79 20.33 31.51
CA ARG B 164 8.65 19.90 32.89
C ARG B 164 8.90 18.40 33.05
N PHE B 165 8.53 17.61 32.06
CA PHE B 165 8.63 16.18 32.16
C PHE B 165 9.59 15.50 31.18
N GLY B 166 10.15 16.25 30.26
CA GLY B 166 11.04 15.72 29.24
C GLY B 166 12.20 14.89 29.69
N ASP B 167 12.70 15.24 30.84
CA ASP B 167 13.80 14.60 31.51
C ASP B 167 13.45 13.22 32.05
N ARG B 168 12.19 12.97 32.28
CA ARG B 168 11.74 11.76 32.89
C ARG B 168 10.79 11.00 32.03
N VAL B 169 10.43 11.48 30.87
CA VAL B 169 9.48 10.79 30.01
C VAL B 169 10.09 10.64 28.62
N LYS B 170 10.28 9.40 28.17
CA LYS B 170 10.87 9.17 26.86
C LYS B 170 9.82 9.04 25.76
N TYR B 171 8.69 8.41 26.06
CA TYR B 171 7.68 8.09 25.07
C TYR B 171 6.50 9.04 25.20
N TRP B 172 6.19 9.76 24.12
CA TRP B 172 5.10 10.73 24.05
C TRP B 172 4.16 10.39 22.90
N VAL B 173 2.85 10.59 23.12
CA VAL B 173 1.85 10.49 22.07
C VAL B 173 1.19 11.85 21.91
N THR B 174 1.06 12.32 20.66
CA THR B 174 0.50 13.64 20.42
C THR B 174 -1.02 13.62 20.50
N LEU B 175 -1.68 13.35 19.37
CA LEU B 175 -3.13 13.32 19.31
C LEU B 175 -3.59 11.87 19.33
N ASN B 176 -4.48 11.54 20.26
CA ASN B 176 -4.99 10.18 20.38
C ASN B 176 -6.29 10.04 19.60
N GLU B 177 -6.28 9.13 18.62
CA GLU B 177 -7.45 8.81 17.81
C GLU B 177 -8.07 10.07 17.21
N GLN B 178 -7.23 10.85 16.52
CA GLN B 178 -7.68 12.08 15.86
C GLN B 178 -8.82 11.81 14.88
N ASN B 179 -8.78 10.68 14.18
CA ASN B 179 -9.89 10.33 13.30
C ASN B 179 -11.19 10.16 14.07
N ILE B 180 -11.11 9.79 15.35
CA ILE B 180 -12.31 9.57 16.12
C ILE B 180 -12.92 10.88 16.58
N PHE B 181 -12.12 11.75 17.23
CA PHE B 181 -12.73 12.95 17.80
C PHE B 181 -13.05 13.99 16.73
N ILE B 182 -12.44 13.87 15.56
CA ILE B 182 -12.84 14.69 14.41
C ILE B 182 -14.13 14.16 13.81
N SER B 183 -14.16 12.86 13.51
CA SER B 183 -15.36 12.27 12.90
C SER B 183 -16.56 12.36 13.85
N PHE B 184 -16.40 11.88 15.08
CA PHE B 184 -17.51 11.87 16.04
C PHE B 184 -17.92 13.28 16.43
N GLY B 185 -17.00 14.23 16.42
CA GLY B 185 -17.33 15.57 16.87
C GLY B 185 -17.85 16.47 15.78
N TYR B 186 -17.54 16.17 14.51
CA TYR B 186 -17.93 17.06 13.42
C TYR B 186 -18.69 16.39 12.29
N ARG B 187 -18.77 15.06 12.24
CA ARG B 187 -19.59 14.44 11.21
C ARG B 187 -20.81 13.72 11.78
N LEU B 188 -20.64 12.98 12.87
CA LEU B 188 -21.72 12.23 13.49
C LEU B 188 -22.42 12.98 14.62
N GLY B 189 -21.82 14.07 15.12
CA GLY B 189 -22.43 14.83 16.20
C GLY B 189 -22.54 14.10 17.52
N LEU B 190 -21.78 13.03 17.69
CA LEU B 190 -21.79 12.22 18.90
C LEU B 190 -20.91 12.76 20.00
N HIS B 191 -19.89 13.51 19.66
CA HIS B 191 -18.99 14.12 20.60
C HIS B 191 -18.96 15.62 20.41
N PRO B 192 -18.47 16.33 21.39
CA PRO B 192 -18.30 17.76 21.28
C PRO B 192 -17.42 18.09 20.10
N PRO B 193 -17.81 19.06 19.30
CA PRO B 193 -18.91 20.00 19.53
C PRO B 193 -20.32 19.55 19.13
N GLY B 194 -20.52 18.28 18.80
CA GLY B 194 -21.83 17.81 18.42
C GLY B 194 -22.30 18.38 17.09
N VAL B 195 -21.45 18.29 16.06
CA VAL B 195 -21.69 18.88 14.75
C VAL B 195 -21.79 17.78 13.70
N LYS B 196 -22.63 18.01 12.68
CA LYS B 196 -22.82 17.09 11.57
C LYS B 196 -22.59 17.87 10.27
N ASP B 197 -21.33 18.20 10.00
CA ASP B 197 -20.97 19.06 8.87
C ASP B 197 -19.62 18.60 8.33
N MET B 198 -19.63 17.92 7.18
CA MET B 198 -18.38 17.35 6.65
C MET B 198 -17.38 18.44 6.26
N LYS B 199 -17.84 19.58 5.76
CA LYS B 199 -16.91 20.66 5.45
C LYS B 199 -16.18 21.13 6.70
N ARG B 200 -16.92 21.32 7.81
CA ARG B 200 -16.28 21.67 9.06
C ARG B 200 -15.37 20.54 9.53
N MET B 201 -15.82 19.29 9.40
CA MET B 201 -15.00 18.16 9.83
C MET B 201 -13.61 18.16 9.21
N TYR B 202 -13.52 18.40 7.88
CA TYR B 202 -12.21 18.32 7.24
C TYR B 202 -11.37 19.56 7.47
N GLU B 203 -12.00 20.70 7.78
CA GLU B 203 -11.23 21.89 8.15
C GLU B 203 -10.59 21.72 9.52
N ALA B 204 -11.37 21.23 10.49
CA ALA B 204 -10.82 20.95 11.81
C ALA B 204 -9.79 19.83 11.74
N ASN B 205 -10.01 18.85 10.85
CA ASN B 205 -9.02 17.79 10.71
C ASN B 205 -7.69 18.34 10.19
N HIS B 206 -7.75 19.20 9.17
CA HIS B 206 -6.52 19.77 8.63
C HIS B 206 -5.78 20.59 9.68
N ILE B 207 -6.53 21.34 10.49
CA ILE B 207 -5.89 22.10 11.55
C ILE B 207 -5.31 21.18 12.62
N ALA B 208 -6.00 20.09 12.95
CA ALA B 208 -5.43 19.13 13.89
C ALA B 208 -4.15 18.50 13.32
N ASN B 209 -4.08 18.33 11.99
CA ASN B 209 -2.83 17.83 11.38
C ASN B 209 -1.71 18.84 11.57
N LEU B 210 -2.01 20.13 11.41
CA LEU B 210 -0.97 21.14 11.56
C LEU B 210 -0.51 21.26 13.01
N ALA B 211 -1.42 21.04 13.96
CA ALA B 211 -1.06 21.06 15.37
C ALA B 211 -0.16 19.89 15.71
N ASN B 212 -0.52 18.70 15.25
CA ASN B 212 0.34 17.53 15.42
C ASN B 212 1.75 17.81 14.92
N ALA B 213 1.87 18.39 13.72
CA ALA B 213 3.18 18.62 13.13
C ALA B 213 3.97 19.68 13.88
N LYS B 214 3.29 20.72 14.38
CA LYS B 214 4.01 21.78 15.10
C LYS B 214 4.61 21.26 16.40
N VAL B 215 3.88 20.39 17.11
CA VAL B 215 4.40 19.94 18.40
C VAL B 215 5.47 18.86 18.24
N ILE B 216 5.49 18.14 17.13
CA ILE B 216 6.59 17.22 16.88
C ILE B 216 7.86 18.01 16.56
N GLN B 217 7.72 19.10 15.82
CA GLN B 217 8.85 19.98 15.55
C GLN B 217 9.38 20.62 16.84
N SER B 218 8.48 21.02 17.75
CA SER B 218 8.94 21.51 19.06
C SER B 218 9.64 20.42 19.85
N PHE B 219 9.08 19.21 19.83
CA PHE B 219 9.63 18.07 20.57
C PHE B 219 11.07 17.78 20.16
N ARG B 220 11.39 17.97 18.87
CA ARG B 220 12.77 17.76 18.43
C ARG B 220 13.72 18.71 19.13
N HIS B 221 13.26 19.92 19.42
CA HIS B 221 14.10 20.90 20.10
C HIS B 221 14.14 20.67 21.62
N TYR B 222 13.00 20.43 22.26
CA TYR B 222 12.95 20.37 23.71
C TYR B 222 13.22 18.98 24.28
N VAL B 223 12.99 17.91 23.53
CA VAL B 223 13.26 16.56 24.01
C VAL B 223 14.03 15.77 22.94
N PRO B 224 15.26 16.17 22.59
CA PRO B 224 15.93 15.54 21.45
C PRO B 224 16.20 14.06 21.63
N ASP B 225 16.25 13.57 22.87
CA ASP B 225 16.49 12.16 23.13
C ASP B 225 15.21 11.35 23.31
N GLY B 226 14.05 11.97 23.13
CA GLY B 226 12.79 11.29 23.31
C GLY B 226 12.21 10.78 22.01
N LYS B 227 11.12 10.02 22.14
CA LYS B 227 10.43 9.45 21.00
CA LYS B 227 10.42 9.42 21.01
C LYS B 227 8.96 9.85 21.07
N ILE B 228 8.42 10.26 19.92
CA ILE B 228 7.07 10.81 19.83
C ILE B 228 6.37 10.35 18.56
N GLY B 229 5.06 10.16 18.67
CA GLY B 229 4.22 9.86 17.53
C GLY B 229 2.75 10.07 17.81
N PRO B 230 1.95 10.21 16.76
CA PRO B 230 0.49 10.22 16.92
C PRO B 230 -0.01 8.80 17.16
N SER B 231 -1.25 8.68 17.62
CA SER B 231 -1.85 7.36 17.77
C SER B 231 -3.15 7.31 16.98
N PHE B 232 -3.23 6.40 16.03
CA PHE B 232 -4.32 6.36 15.07
C PHE B 232 -5.25 5.21 15.43
N ALA B 233 -6.56 5.48 15.45
CA ALA B 233 -7.54 4.41 15.65
C ALA B 233 -7.70 3.67 14.32
N TYR B 234 -7.01 2.52 14.22
CA TYR B 234 -6.79 1.82 12.95
C TYR B 234 -7.71 0.61 12.85
N SER B 235 -8.73 0.71 12.02
CA SER B 235 -9.46 -0.48 11.64
C SER B 235 -9.04 -0.86 10.22
N PRO B 236 -8.19 -1.87 10.03
CA PRO B 236 -7.77 -2.22 8.67
C PRO B 236 -8.93 -2.76 7.86
N MET B 237 -9.02 -2.31 6.60
CA MET B 237 -10.15 -2.68 5.74
C MET B 237 -9.84 -3.96 4.98
N TYR B 238 -10.89 -4.78 4.78
CA TYR B 238 -10.89 -6.00 3.99
C TYR B 238 -11.87 -5.86 2.83
N PRO B 239 -11.55 -6.38 1.65
CA PRO B 239 -12.59 -6.56 0.64
C PRO B 239 -13.43 -7.77 1.00
N TYR B 240 -14.71 -7.72 0.64
CA TYR B 240 -15.60 -8.84 0.94
C TYR B 240 -15.17 -10.10 0.21
N ASP B 241 -14.92 -10.00 -1.10
CA ASP B 241 -14.45 -11.14 -1.88
C ASP B 241 -13.58 -10.61 -3.02
N SER B 242 -13.21 -11.49 -3.95
CA SER B 242 -12.38 -11.14 -5.09
C SER B 242 -13.18 -10.58 -6.26
N ARG B 243 -14.41 -10.15 -6.03
CA ARG B 243 -15.11 -9.38 -7.03
C ARG B 243 -14.32 -8.11 -7.28
N PRO B 244 -13.92 -7.83 -8.53
CA PRO B 244 -13.16 -6.58 -8.78
C PRO B 244 -13.84 -5.35 -8.20
N GLU B 245 -15.18 -5.29 -8.22
CA GLU B 245 -15.90 -4.14 -7.70
C GLU B 245 -15.77 -4.04 -6.17
N ASN B 246 -15.63 -5.17 -5.49
CA ASN B 246 -15.43 -5.11 -4.03
C ASN B 246 -13.98 -4.82 -3.68
N VAL B 247 -13.03 -5.29 -4.48
CA VAL B 247 -11.63 -4.92 -4.25
C VAL B 247 -11.45 -3.42 -4.44
N LEU B 248 -12.10 -2.85 -5.45
CA LEU B 248 -12.00 -1.41 -5.64
C LEU B 248 -12.61 -0.67 -4.44
N ALA B 249 -13.72 -1.19 -3.92
CA ALA B 249 -14.29 -0.61 -2.70
C ALA B 249 -13.28 -0.64 -1.55
N PHE B 250 -12.51 -1.73 -1.44
CA PHE B 250 -11.50 -1.81 -0.39
C PHE B 250 -10.38 -0.80 -0.62
N GLU B 251 -9.94 -0.61 -1.88
CA GLU B 251 -8.99 0.45 -2.18
C GLU B 251 -9.51 1.81 -1.71
N ASN B 252 -10.76 2.12 -2.04
CA ASN B 252 -11.34 3.39 -1.62
C ASN B 252 -11.42 3.49 -0.10
N ALA B 253 -11.85 2.42 0.55
CA ALA B 253 -12.05 2.46 1.99
C ALA B 253 -10.71 2.57 2.73
N GLU B 254 -9.71 1.78 2.35
CA GLU B 254 -8.44 1.85 3.09
C GLU B 254 -7.80 3.23 2.93
N GLU B 255 -7.96 3.84 1.75
CA GLU B 255 -7.40 5.17 1.53
C GLU B 255 -8.21 6.24 2.24
N PHE B 256 -9.54 6.14 2.20
CA PHE B 256 -10.37 7.19 2.75
C PHE B 256 -10.43 7.13 4.27
N GLN B 257 -10.45 5.92 4.82
CA GLN B 257 -10.57 5.75 6.26
C GLN B 257 -9.22 5.71 6.97
N ASN B 258 -8.15 5.25 6.31
CA ASN B 258 -6.89 5.02 7.01
C ASN B 258 -5.74 5.83 6.45
N HIS B 259 -5.42 5.70 5.15
CA HIS B 259 -4.38 6.54 4.55
C HIS B 259 -4.69 8.03 4.73
N TRP B 260 -5.96 8.42 4.74
CA TRP B 260 -6.29 9.83 4.89
C TRP B 260 -5.56 10.45 6.09
N TRP B 261 -5.42 9.69 7.18
CA TRP B 261 -4.68 10.14 8.37
C TRP B 261 -3.22 9.68 8.38
N MET B 262 -2.97 8.39 8.14
CA MET B 262 -1.62 7.88 8.35
C MET B 262 -0.63 8.41 7.32
N ASP B 263 -1.06 8.62 6.07
CA ASP B 263 -0.19 9.26 5.07
C ASP B 263 0.20 10.66 5.49
N VAL B 264 -0.71 11.41 6.12
CA VAL B 264 -0.34 12.73 6.60
C VAL B 264 0.68 12.61 7.71
N TYR B 265 0.43 11.72 8.67
CA TYR B 265 1.38 11.49 9.77
C TYR B 265 2.77 11.10 9.27
N ALA B 266 2.83 10.23 8.25
CA ALA B 266 4.11 9.63 7.85
C ALA B 266 4.81 10.41 6.76
N TRP B 267 4.05 10.85 5.76
CA TRP B 267 4.60 11.53 4.60
C TRP B 267 4.25 12.99 4.52
N GLY B 268 3.29 13.46 5.31
CA GLY B 268 2.87 14.85 5.20
C GLY B 268 2.07 15.17 3.96
N MET B 269 1.36 14.19 3.38
CA MET B 269 0.60 14.38 2.16
C MET B 269 -0.72 13.67 2.31
N TYR B 270 -1.79 14.31 1.85
CA TYR B 270 -3.04 13.57 1.73
C TYR B 270 -3.01 12.70 0.47
N PRO B 271 -3.69 11.55 0.48
CA PRO B 271 -3.81 10.76 -0.75
C PRO B 271 -4.63 11.48 -1.81
N GLN B 272 -4.26 11.25 -3.06
CA GLN B 272 -4.76 12.09 -4.15
C GLN B 272 -6.20 11.76 -4.52
N ALA B 273 -6.52 10.47 -4.61
CA ALA B 273 -7.87 10.09 -5.02
C ALA B 273 -8.90 10.56 -3.99
N ALA B 274 -8.63 10.34 -2.70
CA ALA B 274 -9.51 10.84 -1.66
C ALA B 274 -9.64 12.36 -1.76
N TRP B 275 -8.51 13.05 -1.87
CA TRP B 275 -8.52 14.51 -2.00
C TRP B 275 -9.41 14.97 -3.15
N ASN B 276 -9.25 14.34 -4.32
CA ASN B 276 -10.04 14.70 -5.49
C ASN B 276 -11.52 14.40 -5.27
N TYR B 277 -11.85 13.35 -4.52
CA TYR B 277 -13.26 13.10 -4.25
C TYR B 277 -13.85 14.20 -3.38
N LEU B 278 -13.12 14.66 -2.36
CA LEU B 278 -13.63 15.74 -1.51
C LEU B 278 -13.67 17.06 -2.27
N GLU B 279 -12.66 17.32 -3.10
CA GLU B 279 -12.65 18.51 -3.94
C GLU B 279 -13.90 18.57 -4.82
N SER B 280 -14.26 17.44 -5.44
CA SER B 280 -15.46 17.42 -6.27
C SER B 280 -16.73 17.70 -5.47
N GLN B 281 -16.71 17.46 -4.16
CA GLN B 281 -17.85 17.71 -3.27
C GLN B 281 -17.82 19.09 -2.63
N GLY B 282 -16.75 19.86 -2.82
CA GLY B 282 -16.56 21.09 -2.09
C GLY B 282 -16.20 20.88 -0.64
N LEU B 283 -15.57 19.74 -0.30
CA LEU B 283 -15.31 19.41 1.09
C LEU B 283 -13.84 19.43 1.46
N GLU B 284 -12.94 19.71 0.52
CA GLU B 284 -11.52 19.65 0.84
C GLU B 284 -11.13 20.85 1.70
N PRO B 285 -10.16 20.68 2.59
CA PRO B 285 -9.83 21.76 3.53
C PRO B 285 -9.10 22.92 2.86
N THR B 286 -9.12 24.05 3.55
CA THR B 286 -8.41 25.26 3.13
C THR B 286 -6.93 25.12 3.43
N VAL B 287 -6.08 25.39 2.45
CA VAL B 287 -4.63 25.28 2.61
C VAL B 287 -3.99 26.65 2.51
N ALA B 288 -3.06 26.92 3.42
CA ALA B 288 -2.30 28.16 3.48
C ALA B 288 -0.84 27.96 3.09
N PRO B 289 -0.14 29.02 2.68
CA PRO B 289 1.31 28.91 2.48
C PRO B 289 1.99 28.34 3.71
N GLY B 290 2.92 27.42 3.49
CA GLY B 290 3.65 26.81 4.58
C GLY B 290 3.05 25.54 5.15
N ASP B 291 1.81 25.20 4.77
CA ASP B 291 1.15 24.03 5.33
C ASP B 291 1.88 22.74 4.96
N TRP B 292 2.11 22.53 3.66
CA TRP B 292 2.74 21.28 3.23
C TRP B 292 4.14 21.14 3.79
N GLU B 293 4.90 22.23 3.80
CA GLU B 293 6.27 22.18 4.31
C GLU B 293 6.28 21.81 5.80
N LEU B 294 5.34 22.36 6.58
CA LEU B 294 5.24 21.98 7.98
C LEU B 294 4.86 20.51 8.12
N LEU B 295 3.83 20.07 7.38
CA LEU B 295 3.35 18.69 7.54
C LEU B 295 4.40 17.69 7.10
N GLN B 296 5.21 18.04 6.11
CA GLN B 296 6.20 17.10 5.60
C GLN B 296 7.46 17.07 6.46
N ALA B 297 7.66 18.08 7.31
CA ALA B 297 8.84 18.18 8.14
C ALA B 297 8.66 17.57 9.52
N ALA B 298 7.53 16.91 9.79
CA ALA B 298 7.29 16.39 11.13
C ALA B 298 7.25 14.87 11.16
N LYS B 299 8.33 14.22 10.75
CA LYS B 299 8.38 12.77 10.80
C LYS B 299 8.34 12.31 12.26
N PRO B 300 7.49 11.36 12.60
CA PRO B 300 7.46 10.82 13.97
C PRO B 300 8.39 9.62 14.11
N ASP B 301 8.65 9.26 15.37
CA ASP B 301 9.50 8.11 15.66
C ASP B 301 8.75 6.79 15.57
N PHE B 302 7.43 6.81 15.75
CA PHE B 302 6.65 5.59 15.62
C PHE B 302 5.26 5.97 15.19
N MET B 303 4.50 4.97 14.77
CA MET B 303 3.06 5.13 14.59
C MET B 303 2.39 4.48 15.78
N GLY B 304 1.59 5.25 16.52
CA GLY B 304 0.76 4.66 17.55
C GLY B 304 -0.48 4.06 16.90
N VAL B 305 -0.88 2.91 17.43
CA VAL B 305 -1.98 2.13 16.87
C VAL B 305 -2.92 1.74 18.00
N ASN B 306 -4.14 2.28 17.97
CA ASN B 306 -5.28 1.75 18.73
C ASN B 306 -6.04 0.78 17.85
N TYR B 307 -6.04 -0.50 18.24
CA TYR B 307 -6.66 -1.54 17.42
C TYR B 307 -7.70 -2.29 18.20
N TYR B 308 -8.85 -2.53 17.55
CA TYR B 308 -9.91 -3.37 18.09
C TYR B 308 -10.50 -4.35 17.09
N GLN B 309 -10.56 -4.03 15.81
CA GLN B 309 -11.31 -4.84 14.87
C GLN B 309 -10.94 -4.40 13.46
N THR B 310 -11.20 -5.30 12.52
CA THR B 310 -11.13 -4.98 11.11
C THR B 310 -12.53 -4.74 10.57
N THR B 311 -12.59 -4.17 9.37
CA THR B 311 -13.83 -3.83 8.72
C THR B 311 -13.79 -4.40 7.31
N THR B 312 -14.83 -5.12 6.92
CA THR B 312 -14.98 -5.63 5.56
C THR B 312 -15.97 -4.75 4.81
N VAL B 313 -15.64 -4.45 3.55
CA VAL B 313 -16.43 -3.52 2.74
C VAL B 313 -16.76 -4.17 1.41
N GLU B 314 -17.76 -3.60 0.73
CA GLU B 314 -18.19 -4.06 -0.57
C GLU B 314 -18.63 -2.86 -1.41
N HIS B 315 -18.95 -3.14 -2.68
CA HIS B 315 -19.34 -2.08 -3.61
C HIS B 315 -20.59 -1.36 -3.11
N ASN B 316 -20.62 -0.05 -3.29
CA ASN B 316 -21.73 0.79 -2.84
C ASN B 316 -22.14 1.73 -3.96
N PRO B 317 -23.28 1.51 -4.61
CA PRO B 317 -23.64 2.31 -5.80
C PRO B 317 -23.78 3.78 -5.46
N PRO B 318 -23.79 4.66 -6.48
CA PRO B 318 -23.81 6.11 -6.19
C PRO B 318 -24.98 6.59 -5.36
N ASP B 319 -26.08 5.84 -5.29
CA ASP B 319 -27.24 6.23 -4.49
C ASP B 319 -27.38 5.43 -3.21
N GLY B 320 -26.45 4.52 -2.92
CA GLY B 320 -26.62 3.53 -1.87
C GLY B 320 -26.38 4.05 -0.47
N VAL B 321 -25.89 3.14 0.38
CA VAL B 321 -25.84 3.36 1.82
C VAL B 321 -25.01 4.59 2.17
N GLY B 322 -25.53 5.40 3.09
CA GLY B 322 -24.77 6.49 3.69
C GLY B 322 -24.44 6.18 5.13
N GLU B 323 -24.70 7.13 6.04
CA GLU B 323 -24.45 6.87 7.46
C GLU B 323 -25.40 5.80 7.97
N GLY B 324 -24.89 4.96 8.88
CA GLY B 324 -25.65 3.82 9.32
C GLY B 324 -25.95 3.80 10.81
N VAL B 325 -26.54 2.72 11.29
CA VAL B 325 -26.96 2.59 12.69
C VAL B 325 -25.85 1.92 13.49
N MET B 326 -25.42 2.59 14.56
CA MET B 326 -24.47 2.00 15.50
C MET B 326 -25.20 1.16 16.55
N ASN B 327 -24.42 0.34 17.26
CA ASN B 327 -24.96 -0.59 18.25
C ASN B 327 -24.29 -0.29 19.60
N THR B 328 -24.84 0.68 20.32
CA THR B 328 -24.38 1.02 21.66
C THR B 328 -25.18 0.32 22.76
N THR B 329 -26.20 -0.47 22.38
CA THR B 329 -27.02 -1.16 23.36
C THR B 329 -26.38 -2.47 23.82
N GLY B 330 -25.65 -3.15 22.96
CA GLY B 330 -25.11 -4.46 23.29
C GLY B 330 -25.97 -5.61 22.85
N LYS B 331 -27.04 -5.37 22.12
CA LYS B 331 -27.84 -6.44 21.55
C LYS B 331 -27.28 -6.79 20.18
N LYS B 332 -26.82 -8.02 20.05
CA LYS B 332 -26.13 -8.46 18.85
C LYS B 332 -27.02 -8.33 17.62
N GLY B 333 -26.41 -7.97 16.49
CA GLY B 333 -27.07 -7.96 15.21
C GLY B 333 -27.77 -6.67 14.86
N THR B 334 -27.75 -5.67 15.74
CA THR B 334 -28.51 -4.45 15.51
C THR B 334 -27.76 -3.41 14.67
N SER B 335 -26.47 -3.61 14.42
CA SER B 335 -25.73 -2.70 13.56
C SER B 335 -26.22 -2.79 12.12
N THR B 336 -26.13 -1.67 11.41
CA THR B 336 -26.45 -1.60 9.99
C THR B 336 -25.23 -1.08 9.23
N SER B 337 -25.15 -1.45 7.96
CA SER B 337 -24.07 -1.00 7.11
C SER B 337 -24.02 0.51 7.03
N SER B 338 -22.82 1.07 7.18
CA SER B 338 -22.55 2.46 6.85
C SER B 338 -21.53 2.51 5.73
N GLY B 339 -21.47 3.65 5.04
CA GLY B 339 -20.52 3.76 3.95
C GLY B 339 -20.62 5.12 3.30
N ILE B 340 -19.98 5.23 2.14
CA ILE B 340 -20.01 6.44 1.34
C ILE B 340 -20.53 6.07 -0.04
N PRO B 341 -21.66 6.63 -0.46
CA PRO B 341 -22.20 6.28 -1.78
C PRO B 341 -21.17 6.52 -2.87
N GLY B 342 -21.08 5.56 -3.79
CA GLY B 342 -20.12 5.58 -4.86
C GLY B 342 -18.79 4.91 -4.56
N LEU B 343 -18.39 4.87 -3.29
CA LEU B 343 -17.07 4.38 -2.89
C LEU B 343 -17.13 3.01 -2.23
N PHE B 344 -17.78 2.89 -1.08
CA PHE B 344 -17.77 1.64 -0.31
C PHE B 344 -18.86 1.69 0.74
N LYS B 345 -19.31 0.50 1.15
CA LYS B 345 -20.14 0.34 2.33
C LYS B 345 -19.66 -0.88 3.10
N THR B 346 -19.85 -0.86 4.42
CA THR B 346 -19.41 -1.98 5.24
C THR B 346 -20.38 -3.14 5.13
N VAL B 347 -19.91 -4.31 5.55
CA VAL B 347 -20.70 -5.54 5.50
C VAL B 347 -20.14 -6.49 6.55
N ARG B 348 -21.02 -7.32 7.10
CA ARG B 348 -20.61 -8.30 8.09
C ARG B 348 -19.57 -9.25 7.53
N ASN B 349 -18.48 -9.43 8.26
CA ASN B 349 -17.48 -10.40 7.83
C ASN B 349 -17.90 -11.80 8.28
N PRO B 350 -18.26 -12.68 7.34
CA PRO B 350 -18.79 -14.01 7.73
C PRO B 350 -17.75 -14.98 8.26
N HIS B 351 -16.48 -14.60 8.31
CA HIS B 351 -15.40 -15.51 8.71
C HIS B 351 -14.81 -15.18 10.07
N VAL B 352 -15.37 -14.20 10.78
CA VAL B 352 -14.95 -13.92 12.15
C VAL B 352 -16.20 -13.82 13.00
N ASP B 353 -16.03 -14.05 14.29
CA ASP B 353 -17.10 -13.79 15.23
C ASP B 353 -17.11 -12.31 15.59
N THR B 354 -18.19 -11.87 16.21
CA THR B 354 -18.32 -10.50 16.68
C THR B 354 -18.67 -10.52 18.16
N THR B 355 -18.36 -9.41 18.84
CA THR B 355 -18.91 -9.18 20.16
C THR B 355 -20.42 -9.00 20.07
N ASN B 356 -21.04 -8.69 21.21
CA ASN B 356 -22.46 -8.35 21.22
C ASN B 356 -22.72 -6.91 20.77
N TRP B 357 -21.67 -6.09 20.68
CA TRP B 357 -21.72 -4.78 20.07
C TRP B 357 -21.33 -4.82 18.58
N ASP B 358 -21.33 -6.02 17.99
CA ASP B 358 -21.06 -6.24 16.58
C ASP B 358 -19.63 -5.85 16.17
N TRP B 359 -18.74 -5.66 17.14
CA TRP B 359 -17.33 -5.47 16.82
C TRP B 359 -16.69 -6.79 16.39
N ALA B 360 -15.86 -6.73 15.36
CA ALA B 360 -15.17 -7.93 14.90
C ALA B 360 -14.12 -8.38 15.91
N ILE B 361 -14.06 -9.69 16.16
CA ILE B 361 -12.99 -10.31 16.91
C ILE B 361 -12.03 -10.92 15.88
N ASP B 362 -10.89 -10.27 15.68
CA ASP B 362 -10.00 -10.60 14.56
C ASP B 362 -8.57 -10.31 14.96
N PRO B 363 -7.97 -11.19 15.79
CA PRO B 363 -6.57 -10.97 16.16
C PRO B 363 -5.61 -11.06 14.98
N VAL B 364 -5.89 -11.88 13.96
CA VAL B 364 -5.05 -11.90 12.76
C VAL B 364 -5.11 -10.54 12.08
N GLY B 365 -6.25 -9.84 12.19
CA GLY B 365 -6.35 -8.48 11.67
C GLY B 365 -5.35 -7.52 12.28
N LEU B 366 -4.92 -7.76 13.52
CA LEU B 366 -3.87 -6.91 14.07
C LEU B 366 -2.54 -7.15 13.38
N ARG B 367 -2.18 -8.41 13.16
CA ARG B 367 -0.95 -8.68 12.40
C ARG B 367 -1.03 -8.04 11.02
N ILE B 368 -2.17 -8.18 10.34
CA ILE B 368 -2.34 -7.55 9.03
C ILE B 368 -2.08 -6.06 9.13
N GLY B 369 -2.68 -5.41 10.14
CA GLY B 369 -2.52 -3.97 10.26
C GLY B 369 -1.09 -3.56 10.59
N LEU B 370 -0.44 -4.30 11.50
CA LEU B 370 0.97 -4.04 11.77
C LEU B 370 1.82 -4.24 10.51
N ARG B 371 1.53 -5.29 9.75
CA ARG B 371 2.28 -5.52 8.52
C ARG B 371 2.04 -4.41 7.50
N ARG B 372 0.83 -3.85 7.45
CA ARG B 372 0.54 -2.80 6.46
C ARG B 372 1.30 -1.52 6.79
N ILE B 373 1.44 -1.18 8.07
CA ILE B 373 2.13 0.04 8.45
C ILE B 373 3.63 -0.07 8.19
N ALA B 374 4.25 -1.20 8.56
CA ALA B 374 5.64 -1.42 8.21
C ALA B 374 5.84 -1.40 6.70
N ASN B 375 4.96 -2.06 5.96
CA ASN B 375 5.13 -2.15 4.51
C ASN B 375 4.97 -0.80 3.81
N ARG B 376 4.12 0.08 4.34
CA ARG B 376 3.86 1.34 3.63
C ARG B 376 4.76 2.46 4.13
N TYR B 377 5.02 2.52 5.44
CA TYR B 377 5.73 3.62 6.06
C TYR B 377 7.09 3.25 6.62
N GLN B 378 7.38 1.96 6.80
CA GLN B 378 8.61 1.48 7.41
C GLN B 378 8.79 2.05 8.82
N LEU B 379 7.65 2.30 9.53
CA LEU B 379 7.76 2.87 10.86
C LEU B 379 7.66 1.80 11.94
N PRO B 380 8.41 1.94 13.03
CA PRO B 380 8.11 1.15 14.23
C PRO B 380 6.73 1.52 14.76
N ILE B 381 6.12 0.60 15.51
CA ILE B 381 4.73 0.72 15.95
C ILE B 381 4.66 0.57 17.47
N LEU B 382 3.93 1.46 18.11
CA LEU B 382 3.58 1.33 19.53
C LEU B 382 2.09 1.02 19.61
N ILE B 383 1.74 -0.17 20.09
CA ILE B 383 0.33 -0.50 20.20
C ILE B 383 -0.17 0.19 21.48
N THR B 384 -0.88 1.30 21.29
CA THR B 384 -1.26 2.16 22.40
C THR B 384 -2.57 1.76 23.05
N GLU B 385 -3.32 0.84 22.44
CA GLU B 385 -4.63 0.50 22.96
C GLU B 385 -5.16 -0.74 22.23
N ASN B 386 -5.59 -1.73 22.99
CA ASN B 386 -6.22 -2.95 22.51
C ASN B 386 -6.90 -3.59 23.69
N GLY B 387 -8.12 -4.05 23.54
CA GLY B 387 -8.80 -4.63 24.68
C GLY B 387 -10.14 -5.18 24.30
N LEU B 388 -10.78 -5.84 25.27
CA LEU B 388 -12.13 -6.36 25.12
C LEU B 388 -13.03 -5.77 26.21
N GLY B 389 -14.14 -5.17 25.78
CA GLY B 389 -15.13 -4.62 26.70
C GLY B 389 -16.27 -5.59 26.89
N GLU B 390 -16.57 -5.88 28.15
CA GLU B 390 -17.58 -6.88 28.46
C GLU B 390 -18.11 -6.64 29.87
N PHE B 391 -19.30 -7.17 30.13
CA PHE B 391 -19.83 -7.17 31.49
C PHE B 391 -19.00 -8.11 32.36
N ASP B 392 -18.76 -7.71 33.60
CA ASP B 392 -18.06 -8.52 34.60
C ASP B 392 -18.96 -8.73 35.81
N THR B 393 -18.99 -9.96 36.30
CA THR B 393 -19.73 -10.28 37.51
C THR B 393 -18.76 -10.43 38.68
N LEU B 394 -19.02 -9.71 39.77
CA LEU B 394 -18.21 -9.89 40.98
C LEU B 394 -18.80 -11.06 41.76
N GLU B 395 -18.07 -12.16 41.83
CA GLU B 395 -18.53 -13.36 42.50
C GLU B 395 -17.99 -13.42 43.91
N PRO B 396 -18.62 -14.20 44.79
CA PRO B 396 -18.16 -14.28 46.18
C PRO B 396 -16.70 -14.68 46.27
N GLY B 397 -15.97 -14.01 47.17
CA GLY B 397 -14.54 -14.18 47.30
C GLY B 397 -13.70 -13.23 46.49
N ASP B 398 -14.25 -12.09 46.07
CA ASP B 398 -13.55 -11.10 45.25
C ASP B 398 -12.94 -11.73 43.99
N ILE B 399 -13.74 -12.55 43.32
CA ILE B 399 -13.32 -13.25 42.11
C ILE B 399 -14.13 -12.71 40.94
N VAL B 400 -13.44 -12.18 39.94
CA VAL B 400 -14.02 -11.83 38.64
C VAL B 400 -13.36 -12.76 37.62
N ASN B 401 -14.13 -13.71 37.08
CA ASN B 401 -13.57 -14.71 36.15
C ASN B 401 -13.78 -14.22 34.72
N ASP B 402 -12.91 -13.33 34.28
CA ASP B 402 -13.07 -12.73 32.95
C ASP B 402 -12.24 -13.50 31.90
N ASP B 403 -12.57 -14.79 31.77
CA ASP B 403 -11.88 -15.65 30.82
C ASP B 403 -12.05 -15.16 29.39
N TYR B 404 -13.18 -14.50 29.11
CA TYR B 404 -13.41 -13.89 27.80
C TYR B 404 -12.34 -12.84 27.50
N ARG B 405 -11.96 -12.05 28.50
CA ARG B 405 -10.98 -10.99 28.28
C ARG B 405 -9.59 -11.58 28.08
N ILE B 406 -9.24 -12.59 28.88
CA ILE B 406 -7.96 -13.29 28.73
C ILE B 406 -7.84 -13.87 27.32
N ASP B 407 -8.90 -14.53 26.86
CA ASP B 407 -8.87 -15.18 25.56
C ASP B 407 -8.66 -14.18 24.44
N TYR B 408 -9.28 -13.00 24.54
CA TYR B 408 -9.12 -11.98 23.52
C TYR B 408 -7.71 -11.42 23.53
N LEU B 409 -7.20 -11.08 24.71
CA LEU B 409 -5.87 -10.50 24.82
C LEU B 409 -4.79 -11.53 24.45
N ARG B 410 -5.00 -12.80 24.79
CA ARG B 410 -4.03 -13.83 24.47
C ARG B 410 -3.82 -13.92 22.97
N ARG B 411 -4.91 -14.01 22.22
CA ARG B 411 -4.81 -14.19 20.78
C ARG B 411 -4.22 -12.97 20.07
N HIS B 412 -4.54 -11.75 20.54
CA HIS B 412 -3.93 -10.56 19.96
C HIS B 412 -2.44 -10.48 20.27
N VAL B 413 -2.05 -10.84 21.49
CA VAL B 413 -0.63 -10.88 21.82
C VAL B 413 0.10 -11.94 21.00
N GLN B 414 -0.53 -13.10 20.75
CA GLN B 414 0.10 -14.14 19.94
C GLN B 414 0.35 -13.64 18.52
N GLU B 415 -0.60 -12.88 17.96
CA GLU B 415 -0.44 -12.36 16.61
C GLU B 415 0.60 -11.26 16.55
N ILE B 416 0.72 -10.45 17.61
CA ILE B 416 1.83 -9.50 17.68
C ILE B 416 3.17 -10.23 17.52
N GLN B 417 3.35 -11.33 18.26
CA GLN B 417 4.60 -12.05 18.16
C GLN B 417 4.89 -12.52 16.73
N ARG B 418 3.85 -12.96 16.02
CA ARG B 418 4.02 -13.36 14.62
C ARG B 418 4.43 -12.17 13.74
N ALA B 419 3.86 -10.99 14.00
CA ALA B 419 4.26 -9.80 13.25
C ALA B 419 5.70 -9.41 13.52
N ILE B 420 6.12 -9.50 14.79
CA ILE B 420 7.52 -9.31 15.15
C ILE B 420 8.39 -10.34 14.42
N THR B 421 7.90 -11.58 14.31
CA THR B 421 8.63 -12.62 13.59
C THR B 421 8.65 -12.34 12.10
N ASP B 422 7.62 -11.67 11.57
CA ASP B 422 7.61 -11.25 10.18
C ASP B 422 8.60 -10.12 9.92
N GLY B 423 9.08 -9.44 10.97
CA GLY B 423 9.98 -8.31 10.83
C GLY B 423 9.38 -6.95 11.19
N VAL B 424 8.14 -6.90 11.69
CA VAL B 424 7.59 -5.63 12.14
C VAL B 424 8.25 -5.23 13.46
N ASP B 425 8.66 -3.97 13.55
CA ASP B 425 9.26 -3.46 14.78
C ASP B 425 8.11 -2.97 15.66
N VAL B 426 7.75 -3.77 16.66
CA VAL B 426 6.71 -3.40 17.63
C VAL B 426 7.40 -2.98 18.92
N LEU B 427 7.16 -1.73 19.35
CA LEU B 427 7.88 -1.18 20.49
C LEU B 427 7.28 -1.59 21.82
N GLY B 428 5.97 -1.87 21.84
CA GLY B 428 5.27 -2.11 23.08
C GLY B 428 3.82 -2.42 22.81
N TYR B 429 3.11 -2.73 23.89
CA TYR B 429 1.70 -3.11 23.82
C TYR B 429 1.02 -2.65 25.09
N CYS B 430 0.07 -1.74 24.94
CA CYS B 430 -0.68 -1.15 26.07
C CYS B 430 -2.11 -1.66 26.01
N ALA B 431 -2.44 -2.66 26.82
CA ALA B 431 -3.80 -3.15 26.88
C ALA B 431 -4.73 -2.04 27.40
N TRP B 432 -5.98 -2.11 26.97
CA TRP B 432 -7.02 -1.14 27.38
C TRP B 432 -8.07 -1.92 28.11
N SER B 433 -8.23 -1.68 29.42
CA SER B 433 -7.46 -0.65 30.12
C SER B 433 -6.92 -1.21 31.43
N PHE B 434 -6.16 -0.41 32.17
CA PHE B 434 -5.67 -0.88 33.47
C PHE B 434 -6.77 -1.09 34.51
N THR B 435 -7.45 -0.02 34.95
CA THR B 435 -8.68 -0.15 35.71
C THR B 435 -9.89 0.05 34.81
N ASP B 436 -11.00 -0.57 35.19
CA ASP B 436 -12.29 -0.17 34.66
C ASP B 436 -12.36 1.35 34.62
N LEU B 437 -13.04 1.91 33.63
CA LEU B 437 -13.11 3.35 33.54
C LEU B 437 -14.45 3.76 32.94
N LEU B 438 -14.70 5.06 32.97
CA LEU B 438 -15.94 5.58 32.43
C LEU B 438 -15.87 5.58 30.90
N SER B 439 -16.86 4.98 30.25
CA SER B 439 -16.95 5.11 28.80
C SER B 439 -17.53 6.47 28.46
N TRP B 440 -17.18 6.96 27.27
CA TRP B 440 -17.55 8.32 26.91
C TRP B 440 -19.06 8.50 26.86
N LEU B 441 -19.79 7.47 26.42
CA LEU B 441 -21.21 7.61 26.13
C LEU B 441 -22.09 6.51 26.73
N ASN B 442 -21.53 5.36 27.14
CA ASN B 442 -22.35 4.22 27.53
C ASN B 442 -22.14 3.82 29.00
N GLY B 443 -21.56 4.71 29.81
CA GLY B 443 -21.42 4.45 31.22
C GLY B 443 -20.31 3.48 31.59
N TYR B 444 -20.62 2.56 32.50
CA TYR B 444 -19.60 1.79 33.20
C TYR B 444 -19.68 0.29 33.00
N GLN B 445 -20.81 -0.23 32.53
CA GLN B 445 -21.04 -1.66 32.58
C GLN B 445 -20.27 -2.43 31.52
N LYS B 446 -19.82 -1.79 30.45
CA LYS B 446 -18.94 -2.44 29.46
C LYS B 446 -17.51 -2.20 29.92
N ARG B 447 -17.00 -3.13 30.74
CA ARG B 447 -15.74 -2.94 31.45
C ARG B 447 -14.57 -3.45 30.63
N TYR B 448 -13.43 -2.74 30.72
CA TYR B 448 -12.21 -3.09 29.98
C TYR B 448 -11.01 -3.41 30.87
N GLY B 449 -11.11 -3.27 32.19
CA GLY B 449 -9.92 -3.23 33.02
C GLY B 449 -9.37 -4.60 33.40
N PHE B 450 -8.07 -4.60 33.73
CA PHE B 450 -7.52 -5.70 34.52
C PHE B 450 -7.98 -5.62 35.97
N VAL B 451 -8.38 -4.44 36.42
CA VAL B 451 -8.75 -4.18 37.81
C VAL B 451 -10.22 -3.74 37.81
N TYR B 452 -11.08 -4.55 38.41
CA TYR B 452 -12.49 -4.19 38.56
C TYR B 452 -12.62 -3.01 39.50
N VAL B 453 -13.51 -2.07 39.16
CA VAL B 453 -13.80 -0.93 40.02
C VAL B 453 -15.26 -1.01 40.45
N ASN B 454 -15.50 -0.90 41.76
CA ASN B 454 -16.79 -1.20 42.40
C ASN B 454 -17.75 -0.02 42.24
N ARG B 455 -18.42 0.02 41.10
CA ARG B 455 -19.53 0.96 40.86
C ARG B 455 -20.23 0.52 39.59
N ASP B 456 -21.49 0.93 39.45
CA ASP B 456 -22.22 0.69 38.21
C ASP B 456 -22.88 1.99 37.76
N ASP B 457 -23.92 1.87 36.92
CA ASP B 457 -24.53 3.05 36.32
C ASP B 457 -25.33 3.85 37.34
N GLU B 458 -25.99 3.17 38.28
CA GLU B 458 -26.83 3.80 39.29
C GLU B 458 -26.08 4.02 40.61
N SER B 459 -25.61 2.93 41.22
CA SER B 459 -24.99 2.98 42.54
C SER B 459 -23.50 3.28 42.40
N GLU B 460 -23.06 4.38 43.02
CA GLU B 460 -21.67 4.82 42.94
CA GLU B 460 -21.66 4.77 42.89
C GLU B 460 -20.77 4.03 43.87
N LYS B 461 -21.33 3.40 44.91
CA LYS B 461 -20.63 2.59 45.89
C LYS B 461 -19.34 3.23 46.40
N ASP B 462 -18.29 2.42 46.58
CA ASP B 462 -17.04 2.90 47.18
C ASP B 462 -15.86 2.93 46.21
N LEU B 463 -16.06 2.47 44.97
CA LEU B 463 -15.01 2.51 43.93
C LEU B 463 -13.80 1.63 44.29
N ARG B 464 -13.99 0.59 45.09
CA ARG B 464 -12.84 -0.18 45.52
C ARG B 464 -12.28 -0.98 44.35
N ARG B 465 -10.97 -1.18 44.36
CA ARG B 465 -10.28 -1.89 43.28
C ARG B 465 -10.22 -3.38 43.59
N ILE B 466 -10.47 -4.21 42.57
CA ILE B 466 -10.51 -5.65 42.74
C ILE B 466 -9.78 -6.28 41.56
N LYS B 467 -8.83 -7.17 41.84
CA LYS B 467 -8.05 -7.77 40.77
C LYS B 467 -8.84 -8.85 40.05
N LYS B 468 -8.96 -8.72 38.72
CA LYS B 468 -9.65 -9.73 37.95
C LYS B 468 -8.68 -10.87 37.61
N LYS B 469 -9.27 -11.99 37.17
CA LYS B 469 -8.46 -13.12 36.73
C LYS B 469 -7.46 -12.73 35.64
N SER B 470 -7.84 -11.81 34.75
CA SER B 470 -6.96 -11.34 33.68
C SER B 470 -5.78 -10.54 34.22
N PHE B 471 -5.90 -9.96 35.41
CA PHE B 471 -4.78 -9.28 36.06
C PHE B 471 -3.64 -10.26 36.31
N TYR B 472 -3.96 -11.45 36.80
CA TYR B 472 -2.92 -12.43 37.09
C TYR B 472 -2.40 -13.08 35.81
N TRP B 473 -3.26 -13.25 34.80
CA TRP B 473 -2.79 -13.72 33.50
C TRP B 473 -1.73 -12.78 32.93
N TYR B 474 -2.01 -11.47 32.92
CA TYR B 474 -1.10 -10.52 32.30
C TYR B 474 0.15 -10.31 33.14
N GLN B 475 0.03 -10.43 34.47
CA GLN B 475 1.22 -10.48 35.31
C GLN B 475 2.17 -11.59 34.88
N ARG B 476 1.63 -12.75 34.52
CA ARG B 476 2.44 -13.88 34.09
C ARG B 476 3.04 -13.65 32.70
N VAL B 477 2.27 -13.00 31.82
CA VAL B 477 2.79 -12.60 30.50
C VAL B 477 4.04 -11.74 30.66
N ILE B 478 3.96 -10.73 31.52
CA ILE B 478 5.07 -9.78 31.66
C ILE B 478 6.29 -10.47 32.29
N GLU B 479 6.09 -11.32 33.29
CA GLU B 479 7.26 -11.86 33.97
C GLU B 479 7.98 -12.87 33.08
N THR B 480 7.28 -13.49 32.13
CA THR B 480 7.88 -14.38 31.15
C THR B 480 8.15 -13.68 29.83
N ASN B 481 8.01 -12.36 29.78
CA ASN B 481 8.19 -11.55 28.57
C ASN B 481 7.44 -12.16 27.38
N GLY B 482 6.23 -12.61 27.62
CA GLY B 482 5.40 -13.12 26.55
C GLY B 482 5.67 -14.54 26.14
N ALA B 483 6.62 -15.22 26.76
CA ALA B 483 6.87 -16.63 26.42
C ALA B 483 5.72 -17.52 26.86
N GLU B 484 5.03 -17.18 27.95
CA GLU B 484 3.89 -17.97 28.44
C GLU B 484 2.61 -17.17 28.27
N LEU B 485 1.78 -17.57 27.32
CA LEU B 485 0.54 -16.84 27.02
C LEU B 485 -0.67 -17.73 27.29
C1 GOL C . 15.76 -3.81 4.17
O1 GOL C . 14.71 -4.25 3.34
C2 GOL C . 17.00 -4.60 3.86
O2 GOL C . 17.29 -4.30 2.52
C3 GOL C . 18.12 -4.00 4.69
O3 GOL C . 19.37 -4.48 4.24
N1 IMD D . 12.39 -4.94 -49.05
C2 IMD D . 11.80 -5.93 -48.32
N3 IMD D . 10.54 -5.56 -48.01
C4 IMD D . 10.32 -4.33 -48.53
C5 IMD D . 11.49 -3.94 -49.19
N1 IMD E . -4.22 -9.49 -50.85
C2 IMD E . -3.11 -8.71 -50.84
N3 IMD E . -3.43 -7.45 -51.22
C4 IMD E . -4.77 -7.42 -51.47
C5 IMD E . -5.26 -8.70 -51.24
C TRS F . 4.98 -10.34 -23.48
C1 TRS F . 5.89 -10.52 -24.73
C2 TRS F . 3.67 -9.67 -23.85
C3 TRS F . 5.66 -9.63 -22.31
N TRS F . 4.63 -11.69 -23.03
O1 TRS F . 7.03 -9.66 -24.81
O2 TRS F . 2.78 -10.68 -24.33
O3 TRS F . 6.18 -8.33 -22.59
#